data_3MBI
#
_entry.id   3MBI
#
_cell.length_a   76.599
_cell.length_b   61.841
_cell.length_c   127.938
_cell.angle_alpha   90.00
_cell.angle_beta   103.94
_cell.angle_gamma   90.00
#
_symmetry.space_group_name_H-M   'P 1 21 1'
#
loop_
_entity.id
_entity.type
_entity.pdbx_description
1 polymer 'Ribose-phosphate pyrophosphokinase'
2 non-polymer 'PHOSPHATE ION'
3 non-polymer 'MAGNESIUM ION'
4 non-polymer "ADENOSINE-5'-DIPHOSPHATE"
5 non-polymer 5-O-phosphono-alpha-D-ribofuranose
6 water water
#
_entity_poly.entity_id   1
_entity_poly.type   'polypeptide(L)'
_entity_poly.pdbx_seq_one_letter_code
;SGMKIIALRSSLKLAARIAEELKTEPVMPDERRFPDGELYLRYDEDLTGHNIFIIGNTHSDAEVMEMILTLSAIQDYRTK
SVNIIAPYYGYARQHQRYKNGEPISSQILTEIYSSYSNSIATVDIHDEKTLSYSKVKFSDLHANDAIVRYYKNVDVDYVV
SPDDGGLARVADISAKLGKKHFFIEKKRIDDRTVEMKVPNVDVNGKKLLIVDDIISTGGTIAKSSGLLREKGASKIYVSA
VHGLFVNGSENKILQNADEIHVTDTVESKFSDISVYQEVCNYIRDID
;
_entity_poly.pdbx_strand_id   A,B,C,D
#
loop_
_chem_comp.id
_chem_comp.type
_chem_comp.name
_chem_comp.formula
ADP non-polymer ADENOSINE-5'-DIPHOSPHATE 'C10 H15 N5 O10 P2'
HSX D-saccharide, alpha linking 5-O-phosphono-alpha-D-ribofuranose 'C5 H11 O8 P'
MG non-polymer 'MAGNESIUM ION' 'Mg 2'
PO4 non-polymer 'PHOSPHATE ION' 'O4 P -3'
#
# COMPACT_ATOMS: atom_id res chain seq x y z
N SER A 1 19.34 1.70 -25.64
CA SER A 1 18.02 1.58 -26.22
C SER A 1 17.54 0.13 -26.22
N GLY A 2 18.20 -0.71 -25.42
CA GLY A 2 17.90 -2.13 -25.42
C GLY A 2 16.46 -2.35 -24.98
N MET A 3 15.71 -3.16 -25.72
CA MET A 3 14.32 -3.43 -25.34
C MET A 3 14.00 -4.93 -25.31
N LYS A 4 13.09 -5.33 -24.42
CA LYS A 4 12.60 -6.69 -24.41
C LYS A 4 11.09 -6.63 -24.53
N ILE A 5 10.53 -7.37 -25.50
CA ILE A 5 9.10 -7.43 -25.68
C ILE A 5 8.58 -8.73 -25.09
N ILE A 6 7.91 -8.62 -23.95
CA ILE A 6 7.31 -9.78 -23.30
C ILE A 6 5.90 -10.04 -23.85
N ALA A 7 5.68 -11.28 -24.30
CA ALA A 7 4.40 -11.65 -24.85
C ALA A 7 3.62 -12.56 -23.89
N LEU A 8 2.58 -12.02 -23.26
CA LEU A 8 1.74 -12.83 -22.40
C LEU A 8 0.76 -13.67 -23.25
N ARG A 9 0.15 -14.68 -22.64
CA ARG A 9 -0.62 -15.67 -23.39
C ARG A 9 -1.72 -15.07 -24.25
N SER A 10 -2.35 -14.00 -23.78
CA SER A 10 -3.46 -13.40 -24.51
C SER A 10 -3.02 -12.70 -25.80
N SER A 11 -1.73 -12.42 -25.93
CA SER A 11 -1.29 -11.46 -26.94
C SER A 11 -0.14 -11.91 -27.85
N LEU A 12 -0.03 -13.21 -28.09
CA LEU A 12 1.09 -13.74 -28.86
C LEU A 12 1.14 -13.20 -30.28
N LYS A 13 -0.03 -13.09 -30.92
CA LYS A 13 -0.12 -12.65 -32.32
C LYS A 13 0.35 -11.21 -32.50
N LEU A 14 -0.25 -10.30 -31.74
CA LEU A 14 0.12 -8.89 -31.81
C LEU A 14 1.57 -8.68 -31.33
N ALA A 15 1.95 -9.37 -30.25
CA ALA A 15 3.29 -9.23 -29.71
C ALA A 15 4.36 -9.66 -30.71
N ALA A 16 4.08 -10.72 -31.47
CA ALA A 16 5.00 -11.22 -32.48
C ALA A 16 5.17 -10.21 -33.61
N ARG A 17 4.06 -9.63 -34.05
CA ARG A 17 4.09 -8.63 -35.10
C ARG A 17 4.87 -7.40 -34.68
N ILE A 18 4.71 -7.02 -33.41
CA ILE A 18 5.41 -5.86 -32.85
C ILE A 18 6.91 -6.16 -32.80
N ALA A 19 7.26 -7.34 -32.28
CA ALA A 19 8.66 -7.71 -32.13
C ALA A 19 9.36 -7.76 -33.49
N GLU A 20 8.70 -8.35 -34.47
CA GLU A 20 9.25 -8.41 -35.83
C GLU A 20 9.51 -7.02 -36.39
N GLU A 21 8.50 -6.16 -36.31
CA GLU A 21 8.64 -4.80 -36.81
C GLU A 21 9.83 -4.09 -36.18
N LEU A 22 10.08 -4.40 -34.92
CA LEU A 22 11.13 -3.76 -34.14
C LEU A 22 12.44 -4.55 -34.18
N LYS A 23 12.48 -5.61 -34.98
CA LYS A 23 13.67 -6.42 -35.17
C LYS A 23 14.17 -7.02 -33.86
N THR A 24 13.25 -7.51 -33.04
CA THR A 24 13.63 -8.18 -31.82
C THR A 24 12.84 -9.47 -31.66
N GLU A 25 13.24 -10.30 -30.70
CA GLU A 25 12.57 -11.57 -30.48
C GLU A 25 11.65 -11.46 -29.25
N PRO A 26 10.39 -11.87 -29.40
CA PRO A 26 9.45 -11.86 -28.27
C PRO A 26 9.95 -12.75 -27.14
N VAL A 27 9.75 -12.31 -25.91
CA VAL A 27 10.11 -13.08 -24.74
C VAL A 27 8.84 -13.68 -24.13
N MET A 28 8.79 -15.01 -24.01
CA MET A 28 7.68 -15.67 -23.36
C MET A 28 8.13 -16.32 -22.06
N PRO A 29 7.31 -16.22 -21.03
CA PRO A 29 7.64 -16.88 -19.78
C PRO A 29 7.46 -18.38 -19.90
N ASP A 30 8.30 -19.14 -19.21
CA ASP A 30 7.97 -20.52 -18.94
C ASP A 30 6.78 -20.43 -17.98
N GLU A 31 5.70 -21.16 -18.25
CA GLU A 31 4.47 -20.96 -17.51
C GLU A 31 3.66 -22.23 -17.40
N ARG A 32 3.04 -22.43 -16.24
CA ARG A 32 2.20 -23.60 -16.00
C ARG A 32 1.31 -23.37 -14.80
N ARG A 33 0.30 -24.23 -14.65
CA ARG A 33 -0.52 -24.24 -13.45
C ARG A 33 -0.02 -25.34 -12.51
N PHE A 34 0.17 -24.99 -11.23
CA PHE A 34 0.41 -26.00 -10.22
C PHE A 34 -0.86 -26.84 -10.12
N PRO A 35 -0.78 -28.02 -9.48
CA PRO A 35 -1.93 -28.93 -9.39
C PRO A 35 -3.14 -28.29 -8.69
N ASP A 36 -2.90 -27.37 -7.76
CA ASP A 36 -3.97 -26.71 -7.02
C ASP A 36 -4.52 -25.52 -7.80
N GLY A 37 -4.00 -25.31 -9.00
CA GLY A 37 -4.52 -24.28 -9.87
C GLY A 37 -3.82 -22.93 -9.73
N GLU A 38 -2.83 -22.84 -8.84
CA GLU A 38 -2.06 -21.60 -8.77
C GLU A 38 -1.20 -21.41 -10.03
N LEU A 39 -0.91 -20.16 -10.35
CA LEU A 39 -0.13 -19.86 -11.54
C LEU A 39 1.37 -19.80 -11.27
N TYR A 40 2.15 -20.48 -12.10
CA TYR A 40 3.61 -20.38 -12.07
C TYR A 40 4.11 -19.75 -13.36
N LEU A 41 5.07 -18.84 -13.26
CA LEU A 41 5.80 -18.40 -14.45
C LEU A 41 7.26 -18.06 -14.12
N ARG A 42 8.11 -18.04 -15.14
CA ARG A 42 9.52 -17.74 -14.94
C ARG A 42 10.10 -17.10 -16.20
N TYR A 43 10.86 -16.02 -16.02
CA TYR A 43 11.58 -15.39 -17.12
C TYR A 43 13.06 -15.73 -17.05
N ASP A 44 13.48 -16.67 -17.90
CA ASP A 44 14.88 -17.08 -18.00
C ASP A 44 15.71 -16.04 -18.74
N GLU A 45 15.06 -15.24 -19.59
CA GLU A 45 15.73 -14.17 -20.32
C GLU A 45 16.28 -13.15 -19.33
N ASP A 46 17.52 -12.74 -19.50
CA ASP A 46 18.11 -11.71 -18.65
C ASP A 46 17.60 -10.31 -19.03
N LEU A 47 16.72 -9.76 -18.19
CA LEU A 47 16.06 -8.51 -18.48
C LEU A 47 16.84 -7.32 -17.95
N THR A 48 17.97 -7.59 -17.30
CA THR A 48 18.77 -6.53 -16.71
C THR A 48 19.10 -5.43 -17.72
N GLY A 49 18.88 -4.19 -17.30
CA GLY A 49 19.31 -3.03 -18.05
C GLY A 49 18.47 -2.66 -19.26
N HIS A 50 17.40 -3.42 -19.51
CA HIS A 50 16.57 -3.19 -20.69
C HIS A 50 15.26 -2.48 -20.35
N ASN A 51 14.74 -1.72 -21.31
CA ASN A 51 13.37 -1.25 -21.24
C ASN A 51 12.44 -2.41 -21.56
N ILE A 52 11.56 -2.74 -20.62
CA ILE A 52 10.73 -3.92 -20.73
C ILE A 52 9.32 -3.49 -21.17
N PHE A 53 8.76 -4.19 -22.14
CA PHE A 53 7.40 -3.89 -22.60
C PHE A 53 6.57 -5.14 -22.49
N ILE A 54 5.64 -5.14 -21.55
CA ILE A 54 4.83 -6.33 -21.28
C ILE A 54 3.55 -6.23 -22.08
N ILE A 55 3.33 -7.18 -22.97
CA ILE A 55 2.14 -7.13 -23.82
C ILE A 55 1.14 -8.21 -23.41
N GLY A 56 0.03 -7.78 -22.84
CA GLY A 56 -1.02 -8.72 -22.46
C GLY A 56 -2.30 -7.99 -22.08
N ASN A 57 -3.43 -8.61 -22.40
CA ASN A 57 -4.74 -8.06 -22.07
C ASN A 57 -5.03 -8.30 -20.59
N THR A 58 -6.03 -7.61 -20.05
CA THR A 58 -6.26 -7.66 -18.62
C THR A 58 -7.73 -7.85 -18.27
N HIS A 59 -8.45 -8.67 -19.04
CA HIS A 59 -9.88 -8.84 -18.76
C HIS A 59 -10.30 -10.15 -18.11
N SER A 60 -9.63 -11.24 -18.42
CA SER A 60 -10.01 -12.51 -17.77
C SER A 60 -9.25 -12.69 -16.45
N ASP A 61 -9.77 -13.55 -15.57
CA ASP A 61 -9.09 -13.75 -14.31
C ASP A 61 -7.65 -14.19 -14.55
N ALA A 62 -7.45 -15.08 -15.51
CA ALA A 62 -6.12 -15.63 -15.80
C ALA A 62 -5.18 -14.57 -16.37
N GLU A 63 -5.71 -13.72 -17.23
CA GLU A 63 -4.95 -12.59 -17.79
C GLU A 63 -4.42 -11.69 -16.68
N VAL A 64 -5.30 -11.36 -15.73
CA VAL A 64 -4.91 -10.54 -14.60
C VAL A 64 -3.81 -11.20 -13.75
N MET A 65 -3.99 -12.48 -13.41
CA MET A 65 -2.97 -13.16 -12.62
C MET A 65 -1.63 -13.22 -13.37
N GLU A 66 -1.69 -13.42 -14.68
CA GLU A 66 -0.45 -13.52 -15.46
C GLU A 66 0.26 -12.17 -15.46
N MET A 67 -0.50 -11.09 -15.61
CA MET A 67 0.09 -9.76 -15.51
C MET A 67 0.69 -9.49 -14.12
N ILE A 68 -0.07 -9.74 -13.08
CA ILE A 68 0.39 -9.45 -11.72
C ILE A 68 1.65 -10.27 -11.40
N LEU A 69 1.63 -11.55 -11.70
CA LEU A 69 2.80 -12.37 -11.39
C LEU A 69 4.00 -11.98 -12.26
N THR A 70 3.76 -11.57 -13.51
CA THR A 70 4.82 -11.08 -14.36
C THR A 70 5.47 -9.85 -13.73
N LEU A 71 4.65 -8.98 -13.14
CA LEU A 71 5.15 -7.74 -12.53
C LEU A 71 6.02 -8.03 -11.28
N SER A 72 5.82 -9.18 -10.66
CA SER A 72 6.70 -9.61 -9.58
C SER A 72 7.98 -10.23 -10.12
N ALA A 73 7.82 -11.12 -11.09
CA ALA A 73 8.92 -11.90 -11.62
C ALA A 73 10.06 -11.02 -12.18
N ILE A 74 9.69 -9.93 -12.83
CA ILE A 74 10.71 -9.12 -13.48
C ILE A 74 11.46 -8.24 -12.48
N GLN A 75 10.98 -8.18 -11.24
CA GLN A 75 11.67 -7.44 -10.21
C GLN A 75 12.98 -8.15 -9.83
N ASP A 76 13.15 -9.37 -10.34
CA ASP A 76 14.39 -10.11 -10.09
C ASP A 76 15.55 -9.53 -10.90
N TYR A 77 15.23 -8.70 -11.87
CA TYR A 77 16.27 -8.07 -12.71
C TYR A 77 16.26 -6.58 -12.52
N ARG A 78 17.43 -5.96 -12.56
CA ARG A 78 17.52 -4.52 -12.51
C ARG A 78 17.21 -3.97 -13.90
N THR A 79 15.93 -3.87 -14.21
CA THR A 79 15.50 -3.39 -15.53
C THR A 79 15.67 -1.88 -15.64
N LYS A 80 15.71 -1.37 -16.86
CA LYS A 80 15.79 0.08 -17.04
C LYS A 80 14.43 0.74 -16.78
N SER A 81 13.38 0.10 -17.27
CA SER A 81 12.02 0.55 -17.03
C SER A 81 11.07 -0.60 -17.28
N VAL A 82 9.85 -0.48 -16.76
CA VAL A 82 8.84 -1.49 -16.95
C VAL A 82 7.59 -0.78 -17.48
N ASN A 83 7.13 -1.23 -18.64
CA ASN A 83 6.07 -0.52 -19.35
C ASN A 83 5.00 -1.52 -19.73
N ILE A 84 3.81 -1.33 -19.17
CA ILE A 84 2.71 -2.25 -19.43
C ILE A 84 1.98 -1.79 -20.70
N ILE A 85 1.78 -2.71 -21.63
CA ILE A 85 0.93 -2.43 -22.78
C ILE A 85 -0.16 -3.50 -22.81
N ALA A 86 -1.37 -3.11 -22.43
CA ALA A 86 -2.52 -4.02 -22.40
C ALA A 86 -3.40 -3.67 -23.58
N PRO A 87 -3.26 -4.41 -24.69
CA PRO A 87 -3.96 -3.98 -25.92
C PRO A 87 -5.46 -3.82 -25.69
N TYR A 88 -6.08 -4.80 -25.05
CA TYR A 88 -7.45 -4.65 -24.54
C TYR A 88 -7.40 -4.54 -23.02
N TYR A 89 -7.87 -3.41 -22.49
CA TYR A 89 -7.83 -3.18 -21.05
C TYR A 89 -9.13 -3.66 -20.42
N GLY A 90 -9.03 -4.67 -19.56
CA GLY A 90 -10.19 -5.20 -18.86
C GLY A 90 -10.77 -4.26 -17.81
N TYR A 91 -12.04 -4.46 -17.52
CA TYR A 91 -12.76 -3.69 -16.51
C TYR A 91 -12.94 -2.21 -16.84
N ALA A 92 -12.65 -1.85 -18.08
CA ALA A 92 -12.83 -0.47 -18.53
C ALA A 92 -14.30 -0.04 -18.59
N ARG A 93 -15.20 -1.02 -18.56
CA ARG A 93 -16.62 -0.72 -18.55
C ARG A 93 -17.14 -0.48 -17.13
N GLN A 94 -16.34 -0.86 -16.13
CA GLN A 94 -16.72 -0.57 -14.73
C GLN A 94 -15.78 0.50 -14.20
N HIS A 95 -15.94 1.71 -14.73
CA HIS A 95 -15.06 2.84 -14.43
C HIS A 95 -15.65 3.79 -13.39
N GLN A 96 -16.79 3.41 -12.81
CA GLN A 96 -17.41 4.17 -11.72
C GLN A 96 -18.42 3.26 -11.05
N ARG A 97 -19.01 3.73 -9.94
CA ARG A 97 -20.10 2.98 -9.34
C ARG A 97 -21.42 3.38 -9.96
N TYR A 98 -22.23 2.37 -10.30
CA TYR A 98 -23.55 2.62 -10.88
C TYR A 98 -24.64 2.37 -9.84
N LYS A 99 -24.27 1.64 -8.79
CA LYS A 99 -25.16 1.36 -7.66
C LYS A 99 -24.30 1.40 -6.41
N ASN A 100 -24.90 1.71 -5.26
CA ASN A 100 -24.12 1.71 -4.01
C ASN A 100 -23.48 0.34 -3.79
N GLY A 101 -22.25 0.34 -3.27
CA GLY A 101 -21.58 -0.90 -2.90
C GLY A 101 -20.95 -1.69 -4.04
N GLU A 102 -20.91 -1.12 -5.24
CA GLU A 102 -20.19 -1.73 -6.37
C GLU A 102 -18.71 -1.36 -6.31
N PRO A 103 -17.85 -2.21 -6.88
CA PRO A 103 -16.45 -1.84 -7.04
C PRO A 103 -16.30 -0.81 -8.15
N ILE A 104 -15.27 0.03 -8.09
CA ILE A 104 -14.83 0.74 -9.29
C ILE A 104 -13.65 -0.10 -9.78
N SER A 105 -13.99 -1.16 -10.50
CA SER A 105 -13.03 -2.20 -10.85
C SER A 105 -11.80 -1.65 -11.59
N SER A 106 -12.01 -0.75 -12.55
CA SER A 106 -10.88 -0.24 -13.32
C SER A 106 -9.98 0.63 -12.44
N GLN A 107 -10.53 1.17 -11.37
CA GLN A 107 -9.73 1.99 -10.45
C GLN A 107 -8.74 1.14 -9.64
N ILE A 108 -9.22 0.15 -8.91
CA ILE A 108 -8.30 -0.63 -8.08
C ILE A 108 -7.28 -1.35 -8.97
N LEU A 109 -7.72 -1.88 -10.10
CA LEU A 109 -6.79 -2.64 -10.95
C LEU A 109 -5.74 -1.73 -11.57
N THR A 110 -6.14 -0.52 -11.97
CA THR A 110 -5.17 0.43 -12.50
C THR A 110 -4.17 0.90 -11.43
N GLU A 111 -4.65 1.12 -10.21
CA GLU A 111 -3.77 1.48 -9.10
C GLU A 111 -2.70 0.40 -8.84
N ILE A 112 -3.13 -0.86 -8.89
CA ILE A 112 -2.20 -1.99 -8.80
C ILE A 112 -1.18 -1.99 -9.96
N TYR A 113 -1.66 -1.89 -11.19
CA TYR A 113 -0.71 -1.95 -12.31
C TYR A 113 0.29 -0.78 -12.24
N SER A 114 -0.21 0.40 -11.89
CA SER A 114 0.66 1.58 -11.86
C SER A 114 1.67 1.52 -10.70
N SER A 115 1.37 0.73 -9.68
CA SER A 115 2.29 0.58 -8.54
C SER A 115 3.54 -0.21 -8.90
N TYR A 116 3.50 -0.88 -10.03
CA TYR A 116 4.56 -1.82 -10.37
C TYR A 116 5.13 -1.56 -11.76
N SER A 117 4.83 -0.40 -12.32
CA SER A 117 5.32 -0.07 -13.64
C SER A 117 5.73 1.38 -13.70
N ASN A 118 6.39 1.77 -14.80
CA ASN A 118 6.71 3.17 -15.06
C ASN A 118 5.73 3.79 -16.06
N SER A 119 4.98 2.95 -16.77
CA SER A 119 3.99 3.48 -17.70
C SER A 119 3.00 2.39 -18.04
N ILE A 120 1.81 2.81 -18.46
CA ILE A 120 0.78 1.91 -18.95
C ILE A 120 0.22 2.45 -20.27
N ALA A 121 -0.14 1.56 -21.17
CA ALA A 121 -0.78 1.97 -22.41
C ALA A 121 -1.85 0.95 -22.79
N THR A 122 -2.87 1.40 -23.51
CA THR A 122 -3.85 0.47 -24.04
C THR A 122 -4.29 1.03 -25.37
N VAL A 123 -5.04 0.25 -26.15
CA VAL A 123 -5.60 0.77 -27.39
C VAL A 123 -7.09 1.05 -27.22
N ASP A 124 -7.48 2.32 -27.39
CA ASP A 124 -8.90 2.69 -27.43
C ASP A 124 -9.67 2.21 -26.20
N ILE A 125 -9.31 2.79 -25.06
CA ILE A 125 -9.93 2.42 -23.80
C ILE A 125 -11.41 2.81 -23.84
N HIS A 126 -12.26 2.08 -23.12
CA HIS A 126 -13.70 2.31 -23.22
C HIS A 126 -14.10 3.70 -22.73
N ASP A 127 -13.47 4.15 -21.65
CA ASP A 127 -13.77 5.46 -21.08
C ASP A 127 -12.51 6.08 -20.49
N GLU A 128 -12.19 7.31 -20.88
CA GLU A 128 -10.92 7.91 -20.52
C GLU A 128 -10.73 8.16 -19.03
N LYS A 129 -11.83 8.15 -18.29
CA LYS A 129 -11.80 8.33 -16.84
C LYS A 129 -10.77 7.39 -16.21
N THR A 130 -10.69 6.17 -16.74
CA THR A 130 -9.80 5.16 -16.18
C THR A 130 -8.34 5.57 -16.29
N LEU A 131 -7.98 6.30 -17.36
CA LEU A 131 -6.61 6.79 -17.51
C LEU A 131 -6.16 7.60 -16.31
N SER A 132 -7.14 8.24 -15.66
CA SER A 132 -6.86 9.11 -14.53
C SER A 132 -6.87 8.38 -13.18
N TYR A 133 -6.91 7.05 -13.22
CA TYR A 133 -6.76 6.23 -12.01
C TYR A 133 -5.32 5.81 -11.80
N SER A 134 -4.47 6.15 -12.77
CA SER A 134 -3.09 5.73 -12.76
C SER A 134 -2.14 6.81 -12.27
N LYS A 135 -1.18 6.43 -11.42
CA LYS A 135 -0.14 7.36 -10.99
C LYS A 135 0.96 7.54 -12.04
N VAL A 136 1.17 6.54 -12.87
CA VAL A 136 2.07 6.71 -14.01
C VAL A 136 1.31 7.14 -15.26
N LYS A 137 2.02 7.68 -16.24
CA LYS A 137 1.40 8.04 -17.52
C LYS A 137 0.68 6.83 -18.13
N PHE A 138 -0.64 6.96 -18.33
CA PHE A 138 -1.45 5.91 -18.91
C PHE A 138 -1.88 6.43 -20.28
N SER A 139 -1.27 5.92 -21.34
CA SER A 139 -1.53 6.40 -22.70
C SER A 139 -2.64 5.62 -23.41
N ASP A 140 -3.51 6.36 -24.09
CA ASP A 140 -4.60 5.75 -24.85
C ASP A 140 -4.20 5.79 -26.34
N LEU A 141 -3.76 4.65 -26.87
CA LEU A 141 -3.40 4.57 -28.28
C LEU A 141 -4.67 4.39 -29.11
N HIS A 142 -4.58 4.63 -30.41
CA HIS A 142 -5.77 4.59 -31.25
C HIS A 142 -5.58 3.75 -32.50
N ALA A 143 -6.60 2.95 -32.82
CA ALA A 143 -6.56 2.06 -33.97
C ALA A 143 -7.01 2.76 -35.26
N ASN A 144 -7.34 4.05 -35.17
CA ASN A 144 -7.95 4.77 -36.29
C ASN A 144 -7.22 4.57 -37.63
N ASP A 145 -5.91 4.79 -37.64
CA ASP A 145 -5.16 4.76 -38.89
C ASP A 145 -5.11 3.35 -39.48
N ALA A 146 -5.05 2.34 -38.61
CA ALA A 146 -5.09 0.96 -39.07
C ALA A 146 -6.43 0.64 -39.72
N ILE A 147 -7.51 1.14 -39.12
CA ILE A 147 -8.84 0.94 -39.69
C ILE A 147 -8.97 1.67 -41.02
N VAL A 148 -8.51 2.92 -41.06
CA VAL A 148 -8.47 3.67 -42.33
C VAL A 148 -7.71 2.88 -43.41
N ARG A 149 -6.56 2.32 -43.04
CA ARG A 149 -5.75 1.61 -44.02
C ARG A 149 -6.51 0.39 -44.56
N TYR A 150 -7.21 -0.32 -43.68
CA TYR A 150 -7.96 -1.48 -44.14
C TYR A 150 -9.04 -1.09 -45.14
N TYR A 151 -9.70 0.04 -44.90
CA TYR A 151 -10.83 0.46 -45.72
C TYR A 151 -10.47 1.49 -46.80
N LYS A 152 -9.19 1.78 -46.97
CA LYS A 152 -8.74 2.79 -47.93
C LYS A 152 -9.33 2.55 -49.33
N ASN A 153 -9.37 1.30 -49.75
CA ASN A 153 -9.87 0.96 -51.08
C ASN A 153 -11.16 0.14 -51.03
N VAL A 154 -11.98 0.44 -50.04
CA VAL A 154 -13.29 -0.18 -49.86
C VAL A 154 -14.35 0.88 -50.04
N ASP A 155 -15.39 0.58 -50.81
CA ASP A 155 -16.45 1.56 -51.02
C ASP A 155 -17.41 1.67 -49.84
N VAL A 156 -17.40 2.85 -49.23
CA VAL A 156 -18.19 3.17 -48.05
C VAL A 156 -18.76 4.56 -48.25
N ASP A 157 -20.02 4.76 -47.91
CA ASP A 157 -20.63 6.08 -48.01
C ASP A 157 -20.59 6.86 -46.69
N TYR A 158 -20.98 6.19 -45.60
CA TYR A 158 -20.92 6.80 -44.28
C TYR A 158 -20.15 5.93 -43.29
N VAL A 159 -19.44 6.57 -42.37
CA VAL A 159 -18.92 5.87 -41.19
C VAL A 159 -19.84 6.21 -40.02
N VAL A 160 -20.20 5.20 -39.24
CA VAL A 160 -21.25 5.37 -38.24
C VAL A 160 -20.79 4.91 -36.87
N SER A 161 -21.00 5.76 -35.86
CA SER A 161 -20.79 5.35 -34.48
C SER A 161 -22.12 4.97 -33.88
N PRO A 162 -22.16 3.85 -33.15
CA PRO A 162 -23.41 3.37 -32.53
C PRO A 162 -23.75 4.12 -31.25
N ASP A 163 -22.87 5.03 -30.80
CA ASP A 163 -23.08 5.80 -29.59
C ASP A 163 -22.41 7.16 -29.68
N ASP A 164 -22.66 8.03 -28.72
CA ASP A 164 -22.08 9.36 -28.79
C ASP A 164 -20.60 9.36 -28.42
N GLY A 165 -20.18 8.38 -27.63
CA GLY A 165 -18.79 8.26 -27.23
C GLY A 165 -17.86 8.00 -28.41
N GLY A 166 -18.40 7.42 -29.47
CA GLY A 166 -17.58 7.06 -30.61
C GLY A 166 -17.60 8.10 -31.71
N LEU A 167 -18.24 9.24 -31.47
CA LEU A 167 -18.34 10.29 -32.49
C LEU A 167 -16.97 10.76 -32.98
N ALA A 168 -16.04 10.97 -32.06
CA ALA A 168 -14.72 11.49 -32.43
C ALA A 168 -13.97 10.50 -33.31
N ARG A 169 -14.00 9.23 -32.92
CA ARG A 169 -13.35 8.18 -33.69
C ARG A 169 -13.89 8.20 -35.13
N VAL A 170 -15.21 8.22 -35.29
CA VAL A 170 -15.77 8.11 -36.65
C VAL A 170 -15.61 9.39 -37.46
N ALA A 171 -15.58 10.54 -36.78
CA ALA A 171 -15.30 11.79 -37.47
C ALA A 171 -13.89 11.75 -38.07
N ASP A 172 -12.96 11.20 -37.30
CA ASP A 172 -11.57 11.12 -37.73
C ASP A 172 -11.41 10.11 -38.87
N ILE A 173 -11.99 8.93 -38.68
CA ILE A 173 -11.89 7.88 -39.68
C ILE A 173 -12.55 8.30 -41.00
N SER A 174 -13.75 8.86 -40.92
CA SER A 174 -14.43 9.34 -42.13
C SER A 174 -13.65 10.48 -42.79
N ALA A 175 -13.10 11.38 -41.98
CA ALA A 175 -12.28 12.47 -42.51
C ALA A 175 -11.15 11.91 -43.36
N LYS A 176 -10.46 10.92 -42.80
CA LYS A 176 -9.30 10.33 -43.46
C LYS A 176 -9.69 9.52 -44.66
N LEU A 177 -10.94 9.06 -44.70
CA LEU A 177 -11.44 8.32 -45.86
C LEU A 177 -12.18 9.21 -46.87
N GLY A 178 -12.34 10.49 -46.54
CA GLY A 178 -13.07 11.40 -47.40
C GLY A 178 -14.55 11.04 -47.50
N LYS A 179 -15.11 10.59 -46.39
CA LYS A 179 -16.52 10.19 -46.34
C LYS A 179 -17.28 10.97 -45.28
N LYS A 180 -18.59 10.81 -45.27
CA LYS A 180 -19.44 11.45 -44.26
C LYS A 180 -19.55 10.56 -43.02
N HIS A 181 -20.12 11.11 -41.96
CA HIS A 181 -20.37 10.30 -40.75
C HIS A 181 -21.59 10.79 -39.99
N PHE A 182 -22.09 9.94 -39.10
CA PHE A 182 -23.06 10.36 -38.10
C PHE A 182 -22.98 9.39 -36.93
N PHE A 183 -23.64 9.72 -35.82
CA PHE A 183 -23.63 8.81 -34.69
C PHE A 183 -25.05 8.57 -34.22
N ILE A 184 -25.23 7.47 -33.50
CA ILE A 184 -26.52 7.05 -32.99
C ILE A 184 -26.52 7.27 -31.49
N GLU A 185 -27.67 7.64 -30.93
CA GLU A 185 -27.78 7.75 -29.49
C GLU A 185 -28.07 6.38 -28.89
N LYS A 186 -27.27 6.00 -27.89
CA LYS A 186 -27.40 4.67 -27.32
C LYS A 186 -27.68 4.74 -25.83
N LYS A 187 -28.55 3.86 -25.36
CA LYS A 187 -28.77 3.65 -23.93
C LYS A 187 -28.70 2.17 -23.61
N ARG A 188 -27.80 1.78 -22.74
CA ARG A 188 -27.70 0.36 -22.36
C ARG A 188 -28.74 -0.01 -21.29
N ILE A 189 -29.47 -1.08 -21.56
CA ILE A 189 -30.56 -1.51 -20.68
C ILE A 189 -30.06 -2.57 -19.70
N ASP A 190 -29.28 -3.51 -20.20
CA ASP A 190 -28.67 -4.51 -19.34
C ASP A 190 -27.49 -5.13 -20.09
N ASP A 191 -26.91 -6.22 -19.58
CA ASP A 191 -25.70 -6.81 -20.17
C ASP A 191 -25.84 -7.14 -21.65
N ARG A 192 -27.07 -7.33 -22.10
CA ARG A 192 -27.29 -7.84 -23.45
C ARG A 192 -28.26 -7.00 -24.27
N THR A 193 -28.71 -5.88 -23.72
CA THR A 193 -29.77 -5.11 -24.36
C THR A 193 -29.46 -3.63 -24.37
N VAL A 194 -29.68 -3.01 -25.53
CA VAL A 194 -29.50 -1.57 -25.68
C VAL A 194 -30.72 -0.99 -26.38
N GLU A 195 -30.93 0.31 -26.21
CA GLU A 195 -31.94 1.04 -26.97
C GLU A 195 -31.23 2.14 -27.74
N MET A 196 -31.73 2.43 -28.94
CA MET A 196 -31.09 3.42 -29.80
C MET A 196 -32.05 4.41 -30.46
N LYS A 197 -31.53 5.60 -30.73
CA LYS A 197 -32.24 6.57 -31.55
C LYS A 197 -31.33 6.96 -32.71
N VAL A 198 -31.69 6.53 -33.92
CA VAL A 198 -30.91 6.78 -35.12
C VAL A 198 -31.34 8.11 -35.76
N PRO A 199 -30.39 8.99 -36.05
CA PRO A 199 -30.76 10.30 -36.64
C PRO A 199 -31.39 10.12 -38.01
N ASN A 200 -32.13 11.12 -38.48
CA ASN A 200 -32.85 11.01 -39.74
C ASN A 200 -31.95 11.22 -40.95
N VAL A 201 -30.96 10.34 -41.09
CA VAL A 201 -30.06 10.41 -42.21
C VAL A 201 -30.52 9.40 -43.25
N ASP A 202 -30.58 9.82 -44.51
CA ASP A 202 -31.00 8.95 -45.58
C ASP A 202 -29.89 7.96 -45.92
N VAL A 203 -30.06 6.70 -45.54
CA VAL A 203 -29.07 5.69 -45.87
C VAL A 203 -29.63 4.68 -46.86
N ASN A 204 -30.74 5.04 -47.50
CA ASN A 204 -31.32 4.20 -48.52
C ASN A 204 -30.35 4.00 -49.68
N GLY A 205 -30.01 2.74 -49.95
CA GLY A 205 -29.06 2.40 -50.99
C GLY A 205 -27.61 2.72 -50.65
N LYS A 206 -27.34 3.12 -49.41
CA LYS A 206 -25.99 3.51 -49.00
C LYS A 206 -25.17 2.39 -48.33
N LYS A 207 -23.85 2.46 -48.50
CA LYS A 207 -22.95 1.48 -47.90
C LYS A 207 -22.42 2.10 -46.62
N LEU A 208 -22.52 1.36 -45.52
CA LEU A 208 -22.18 1.91 -44.22
C LEU A 208 -21.06 1.12 -43.56
N LEU A 209 -20.19 1.83 -42.84
CA LEU A 209 -19.18 1.21 -42.00
C LEU A 209 -19.47 1.60 -40.57
N ILE A 210 -19.88 0.65 -39.74
CA ILE A 210 -20.12 0.94 -38.34
C ILE A 210 -18.85 0.62 -37.56
N VAL A 211 -18.41 1.55 -36.72
CA VAL A 211 -17.23 1.33 -35.89
C VAL A 211 -17.51 1.55 -34.40
N ASP A 212 -17.06 0.61 -33.57
CA ASP A 212 -17.20 0.75 -32.12
C ASP A 212 -15.93 0.25 -31.44
N ASP A 213 -15.82 0.47 -30.14
CA ASP A 213 -14.60 0.06 -29.46
C ASP A 213 -14.60 -1.44 -29.18
N ILE A 214 -15.71 -1.94 -28.66
CA ILE A 214 -15.82 -3.33 -28.20
C ILE A 214 -17.01 -4.04 -28.84
N ILE A 215 -16.82 -5.32 -29.19
CA ILE A 215 -17.93 -6.21 -29.47
C ILE A 215 -17.89 -7.34 -28.46
N SER A 216 -18.91 -7.41 -27.61
CA SER A 216 -18.98 -8.45 -26.59
C SER A 216 -20.11 -9.42 -26.96
N THR A 217 -21.31 -9.13 -26.48
CA THR A 217 -22.50 -9.91 -26.84
C THR A 217 -22.97 -9.61 -28.27
N GLY A 218 -22.48 -8.51 -28.84
CA GLY A 218 -22.97 -8.06 -30.13
C GLY A 218 -24.29 -7.30 -30.11
N GLY A 219 -24.83 -7.04 -28.92
CA GLY A 219 -26.09 -6.35 -28.78
C GLY A 219 -26.10 -4.97 -29.40
N THR A 220 -25.01 -4.23 -29.17
CA THR A 220 -24.88 -2.88 -29.70
C THR A 220 -24.77 -2.87 -31.23
N ILE A 221 -23.88 -3.68 -31.77
CA ILE A 221 -23.74 -3.72 -33.23
C ILE A 221 -25.02 -4.27 -33.87
N ALA A 222 -25.59 -5.30 -33.26
CA ALA A 222 -26.80 -5.92 -33.78
C ALA A 222 -27.94 -4.92 -33.87
N LYS A 223 -28.14 -4.13 -32.82
CA LYS A 223 -29.21 -3.12 -32.85
C LYS A 223 -28.97 -2.01 -33.89
N SER A 224 -27.78 -1.45 -33.91
CA SER A 224 -27.48 -0.38 -34.87
C SER A 224 -27.57 -0.92 -36.31
N SER A 225 -26.99 -2.10 -36.54
CA SER A 225 -27.04 -2.78 -37.85
C SER A 225 -28.48 -2.99 -38.31
N GLY A 226 -29.31 -3.55 -37.43
CA GLY A 226 -30.70 -3.81 -37.76
C GLY A 226 -31.50 -2.56 -38.08
N LEU A 227 -31.35 -1.52 -37.26
CA LEU A 227 -32.08 -0.29 -37.50
C LEU A 227 -31.64 0.39 -38.80
N LEU A 228 -30.34 0.33 -39.07
CA LEU A 228 -29.84 0.92 -40.31
C LEU A 228 -30.28 0.11 -41.53
N ARG A 229 -30.30 -1.22 -41.38
CA ARG A 229 -30.79 -2.08 -42.46
C ARG A 229 -32.26 -1.78 -42.76
N GLU A 230 -33.05 -1.62 -41.70
CA GLU A 230 -34.45 -1.20 -41.81
C GLU A 230 -34.58 0.06 -42.67
N LYS A 231 -33.59 0.94 -42.55
CA LYS A 231 -33.63 2.22 -43.24
C LYS A 231 -33.10 2.14 -44.67
N GLY A 232 -32.80 0.94 -45.12
CA GLY A 232 -32.50 0.72 -46.54
C GLY A 232 -31.04 0.61 -46.93
N ALA A 233 -30.13 0.59 -45.93
CA ALA A 233 -28.71 0.41 -46.20
C ALA A 233 -28.44 -0.79 -47.12
N SER A 234 -27.55 -0.62 -48.09
CA SER A 234 -27.31 -1.66 -49.09
C SER A 234 -26.19 -2.62 -48.70
N LYS A 235 -25.22 -2.12 -47.94
CA LYS A 235 -24.15 -2.95 -47.41
C LYS A 235 -23.71 -2.35 -46.08
N ILE A 236 -23.42 -3.22 -45.11
CA ILE A 236 -22.95 -2.77 -43.81
C ILE A 236 -21.69 -3.53 -43.41
N TYR A 237 -20.58 -2.79 -43.31
CA TYR A 237 -19.36 -3.34 -42.77
C TYR A 237 -19.35 -3.04 -41.27
N VAL A 238 -18.84 -3.99 -40.50
CA VAL A 238 -18.71 -3.78 -39.07
C VAL A 238 -17.25 -3.89 -38.67
N SER A 239 -16.76 -2.90 -37.92
CA SER A 239 -15.44 -2.97 -37.34
C SER A 239 -15.47 -2.56 -35.88
N ALA A 240 -14.62 -3.17 -35.09
CA ALA A 240 -14.46 -2.77 -33.70
C ALA A 240 -13.00 -2.99 -33.38
N VAL A 241 -12.52 -2.31 -32.35
CA VAL A 241 -11.13 -2.51 -31.96
C VAL A 241 -10.97 -3.86 -31.27
N HIS A 242 -11.81 -4.11 -30.26
CA HIS A 242 -11.68 -5.29 -29.40
C HIS A 242 -12.81 -6.27 -29.63
N GLY A 243 -12.51 -7.38 -30.31
CA GLY A 243 -13.50 -8.37 -30.66
C GLY A 243 -13.56 -9.54 -29.69
N LEU A 244 -14.46 -9.46 -28.72
CA LEU A 244 -14.57 -10.53 -27.72
C LEU A 244 -15.46 -11.66 -28.21
N PHE A 245 -16.54 -11.31 -28.90
CA PHE A 245 -17.42 -12.29 -29.54
C PHE A 245 -17.94 -13.39 -28.63
N VAL A 246 -18.69 -13.00 -27.61
CA VAL A 246 -19.33 -13.97 -26.73
C VAL A 246 -20.83 -14.12 -27.03
N ASN A 247 -21.47 -15.11 -26.39
CA ASN A 247 -22.93 -15.29 -26.47
C ASN A 247 -23.61 -15.13 -27.85
N GLY A 248 -23.13 -15.86 -28.85
CA GLY A 248 -23.76 -15.81 -30.17
C GLY A 248 -23.70 -14.45 -30.85
N SER A 249 -22.74 -13.64 -30.44
CA SER A 249 -22.56 -12.30 -31.00
C SER A 249 -22.41 -12.29 -32.52
N GLU A 250 -21.61 -13.22 -33.06
CA GLU A 250 -21.34 -13.21 -34.50
C GLU A 250 -22.62 -13.33 -35.30
N ASN A 251 -23.46 -14.30 -34.93
CA ASN A 251 -24.75 -14.46 -35.59
C ASN A 251 -25.70 -13.27 -35.50
N LYS A 252 -25.79 -12.67 -34.32
CA LYS A 252 -26.65 -11.51 -34.14
C LYS A 252 -26.26 -10.41 -35.10
N ILE A 253 -24.96 -10.20 -35.23
CA ILE A 253 -24.44 -9.14 -36.09
C ILE A 253 -24.69 -9.44 -37.58
N LEU A 254 -24.32 -10.64 -37.99
CA LEU A 254 -24.39 -11.01 -39.41
C LEU A 254 -25.83 -11.23 -39.87
N GLN A 255 -26.77 -11.19 -38.94
CA GLN A 255 -28.17 -11.20 -39.33
C GLN A 255 -28.52 -9.94 -40.08
N ASN A 256 -27.82 -8.84 -39.79
CA ASN A 256 -28.07 -7.60 -40.52
C ASN A 256 -26.84 -6.94 -41.14
N ALA A 257 -25.66 -7.44 -40.82
CA ALA A 257 -24.46 -6.86 -41.42
C ALA A 257 -23.82 -7.85 -42.37
N ASP A 258 -22.93 -7.36 -43.21
CA ASP A 258 -22.33 -8.19 -44.25
C ASP A 258 -20.97 -8.77 -43.90
N GLU A 259 -20.12 -7.95 -43.26
CA GLU A 259 -18.77 -8.38 -42.92
C GLU A 259 -18.34 -7.82 -41.59
N ILE A 260 -17.45 -8.55 -40.91
CA ILE A 260 -16.88 -8.12 -39.64
C ILE A 260 -15.36 -8.10 -39.75
N HIS A 261 -14.74 -6.99 -39.36
CA HIS A 261 -13.27 -6.90 -39.32
C HIS A 261 -12.82 -6.17 -38.06
N VAL A 262 -12.11 -6.87 -37.18
CA VAL A 262 -11.62 -6.24 -35.95
C VAL A 262 -10.09 -6.27 -35.93
N THR A 263 -9.50 -5.71 -34.88
CA THR A 263 -8.05 -5.68 -34.80
C THR A 263 -7.53 -6.92 -34.10
N ASP A 264 -6.23 -6.94 -33.89
CA ASP A 264 -5.60 -8.04 -33.18
C ASP A 264 -5.36 -7.80 -31.68
N THR A 265 -5.96 -6.74 -31.12
CA THR A 265 -5.88 -6.57 -29.66
C THR A 265 -6.42 -7.81 -28.96
N VAL A 266 -7.52 -8.34 -29.48
CA VAL A 266 -8.03 -9.64 -29.02
C VAL A 266 -8.03 -10.55 -30.24
N GLU A 267 -7.31 -11.68 -30.14
CA GLU A 267 -7.13 -12.53 -31.32
C GLU A 267 -8.35 -13.40 -31.60
N SER A 268 -8.93 -13.25 -32.78
CA SER A 268 -10.04 -14.12 -33.23
C SER A 268 -9.97 -14.30 -34.74
N LYS A 269 -10.88 -15.12 -35.27
CA LYS A 269 -10.92 -15.32 -36.72
C LYS A 269 -11.24 -14.02 -37.47
N PHE A 270 -11.67 -12.99 -36.75
CA PHE A 270 -11.97 -11.70 -37.39
C PHE A 270 -10.84 -10.66 -37.33
N SER A 271 -9.73 -11.01 -36.70
CA SER A 271 -8.62 -10.07 -36.51
C SER A 271 -7.84 -9.80 -37.81
N ASP A 272 -8.41 -8.97 -38.67
CA ASP A 272 -7.85 -8.64 -39.99
C ASP A 272 -7.08 -7.33 -39.99
N ILE A 273 -7.22 -6.56 -38.93
CA ILE A 273 -6.62 -5.23 -38.89
C ILE A 273 -5.60 -5.17 -37.76
N SER A 274 -4.32 -5.14 -38.08
CA SER A 274 -3.33 -5.13 -37.01
C SER A 274 -3.04 -3.74 -36.47
N VAL A 275 -2.88 -3.62 -35.17
CA VAL A 275 -2.51 -2.33 -34.60
C VAL A 275 -1.01 -2.28 -34.25
N TYR A 276 -0.24 -3.19 -34.86
CA TYR A 276 1.19 -3.26 -34.51
C TYR A 276 1.93 -1.95 -34.77
N GLN A 277 1.61 -1.26 -35.85
CA GLN A 277 2.32 -0.02 -36.17
C GLN A 277 2.12 1.02 -35.07
N GLU A 278 0.87 1.16 -34.62
CA GLU A 278 0.54 2.14 -33.60
C GLU A 278 1.27 1.83 -32.30
N VAL A 279 1.34 0.54 -31.98
CA VAL A 279 2.01 0.16 -30.75
C VAL A 279 3.53 0.34 -30.88
N CYS A 280 4.07 0.01 -32.05
CA CYS A 280 5.50 0.22 -32.27
C CYS A 280 5.88 1.70 -32.16
N ASN A 281 5.05 2.58 -32.71
CA ASN A 281 5.34 4.00 -32.64
C ASN A 281 5.43 4.48 -31.19
N TYR A 282 4.52 3.98 -30.37
CA TYR A 282 4.54 4.28 -28.95
C TYR A 282 5.81 3.76 -28.28
N ILE A 283 6.15 2.52 -28.57
CA ILE A 283 7.32 1.89 -27.98
C ILE A 283 8.60 2.65 -28.34
N ARG A 284 8.71 3.05 -29.61
CA ARG A 284 9.89 3.80 -30.05
C ARG A 284 10.02 5.14 -29.34
N ASP A 285 8.88 5.76 -29.04
CA ASP A 285 8.87 7.04 -28.33
C ASP A 285 9.35 6.92 -26.88
N ILE A 286 9.12 5.75 -26.29
CA ILE A 286 9.57 5.50 -24.92
C ILE A 286 11.00 4.97 -24.91
N ASP A 287 11.25 3.94 -25.71
CA ASP A 287 12.57 3.32 -25.78
C ASP A 287 13.61 4.23 -26.46
N SER B 1 33.74 27.56 -2.58
CA SER B 1 32.46 27.48 -3.28
C SER B 1 32.06 26.04 -3.54
N GLY B 2 32.69 25.11 -2.82
CA GLY B 2 32.33 23.71 -2.98
C GLY B 2 30.91 23.55 -2.48
N MET B 3 30.11 22.75 -3.18
CA MET B 3 28.69 22.57 -2.81
C MET B 3 28.28 21.11 -2.94
N LYS B 4 27.35 20.69 -2.09
CA LYS B 4 26.79 19.36 -2.20
C LYS B 4 25.27 19.50 -2.26
N ILE B 5 24.68 18.89 -3.28
CA ILE B 5 23.23 18.86 -3.45
C ILE B 5 22.72 17.54 -2.91
N ILE B 6 22.01 17.57 -1.80
CA ILE B 6 21.41 16.38 -1.21
C ILE B 6 20.01 16.17 -1.74
N ALA B 7 19.72 14.97 -2.21
CA ALA B 7 18.41 14.67 -2.76
C ALA B 7 17.60 13.76 -1.87
N LEU B 8 16.59 14.31 -1.21
CA LEU B 8 15.69 13.49 -0.41
C LEU B 8 14.66 12.80 -1.30
N ARG B 9 14.02 11.76 -0.79
CA ARG B 9 13.13 10.89 -1.57
C ARG B 9 12.03 11.60 -2.37
N SER B 10 11.52 12.71 -1.85
CA SER B 10 10.45 13.42 -2.56
C SER B 10 10.95 14.20 -3.79
N SER B 11 12.25 14.38 -3.92
CA SER B 11 12.75 15.37 -4.87
C SER B 11 13.88 14.88 -5.78
N LEU B 12 13.95 13.58 -6.02
CA LEU B 12 15.08 13.04 -6.79
C LEU B 12 15.12 13.61 -8.21
N LYS B 13 13.96 13.82 -8.80
CA LYS B 13 13.86 14.32 -10.17
C LYS B 13 14.36 15.78 -10.32
N LEU B 14 13.83 16.67 -9.50
CA LEU B 14 14.25 18.07 -9.54
C LEU B 14 15.72 18.18 -9.09
N ALA B 15 16.05 17.46 -8.02
CA ALA B 15 17.43 17.47 -7.52
C ALA B 15 18.42 17.02 -8.59
N ALA B 16 18.08 15.96 -9.33
CA ALA B 16 18.96 15.49 -10.40
C ALA B 16 19.15 16.58 -11.45
N ARG B 17 18.06 17.23 -11.84
CA ARG B 17 18.13 18.29 -12.83
C ARG B 17 18.98 19.47 -12.36
N ILE B 18 18.81 19.83 -11.08
CA ILE B 18 19.62 20.88 -10.48
C ILE B 18 21.09 20.50 -10.48
N ALA B 19 21.39 19.29 -10.02
CA ALA B 19 22.78 18.84 -9.91
C ALA B 19 23.47 18.83 -11.27
N GLU B 20 22.73 18.38 -12.29
CA GLU B 20 23.26 18.35 -13.65
C GLU B 20 23.61 19.76 -14.15
N GLU B 21 22.70 20.70 -13.92
CA GLU B 21 22.93 22.08 -14.36
C GLU B 21 24.14 22.71 -13.67
N LEU B 22 24.38 22.32 -12.42
CA LEU B 22 25.47 22.86 -11.64
C LEU B 22 26.74 22.03 -11.76
N LYS B 23 26.73 21.03 -12.65
CA LYS B 23 27.90 20.20 -12.88
C LYS B 23 28.38 19.50 -11.60
N THR B 24 27.46 18.89 -10.87
CA THR B 24 27.83 18.15 -9.67
C THR B 24 26.94 16.91 -9.57
N GLU B 25 27.26 16.01 -8.63
CA GLU B 25 26.50 14.77 -8.46
C GLU B 25 25.61 14.85 -7.23
N PRO B 26 24.32 14.53 -7.39
CA PRO B 26 23.36 14.50 -6.28
C PRO B 26 23.83 13.54 -5.20
N VAL B 27 23.70 13.93 -3.95
CA VAL B 27 24.05 13.05 -2.84
C VAL B 27 22.79 12.49 -2.24
N MET B 28 22.67 11.16 -2.20
CA MET B 28 21.51 10.53 -1.58
C MET B 28 21.93 9.73 -0.36
N PRO B 29 21.15 9.83 0.72
CA PRO B 29 21.52 9.07 1.91
C PRO B 29 21.21 7.60 1.69
N ASP B 30 21.92 6.73 2.39
CA ASP B 30 21.49 5.36 2.55
C ASP B 30 20.32 5.41 3.54
N GLU B 31 19.21 4.77 3.20
CA GLU B 31 17.99 4.98 3.95
C GLU B 31 17.17 3.71 4.02
N ARG B 32 16.59 3.45 5.18
CA ARG B 32 15.71 2.30 5.33
C ARG B 32 14.82 2.51 6.54
N ARG B 33 13.79 1.69 6.63
CA ARG B 33 12.95 1.66 7.82
C ARG B 33 13.39 0.51 8.70
N PHE B 34 13.55 0.80 9.99
CA PHE B 34 13.73 -0.27 10.97
C PHE B 34 12.42 -1.06 11.03
N PRO B 35 12.49 -2.28 11.58
CA PRO B 35 11.31 -3.16 11.60
C PRO B 35 10.15 -2.53 12.37
N ASP B 36 10.45 -1.64 13.32
CA ASP B 36 9.41 -0.97 14.11
C ASP B 36 8.84 0.29 13.46
N GLY B 37 9.26 0.55 12.22
CA GLY B 37 8.76 1.72 11.51
C GLY B 37 9.61 2.98 11.66
N GLU B 38 10.63 2.95 12.50
CA GLU B 38 11.49 4.13 12.66
C GLU B 38 12.38 4.31 11.42
N LEU B 39 12.76 5.55 11.15
CA LEU B 39 13.52 5.86 9.95
C LEU B 39 15.02 5.88 10.21
N TYR B 40 15.77 5.22 9.34
CA TYR B 40 17.24 5.26 9.38
C TYR B 40 17.74 5.94 8.13
N LEU B 41 18.71 6.83 8.27
CA LEU B 41 19.44 7.32 7.10
C LEU B 41 20.91 7.54 7.41
N ARG B 42 21.74 7.60 6.38
CA ARG B 42 23.18 7.82 6.59
C ARG B 42 23.80 8.52 5.40
N TYR B 43 24.58 9.57 5.64
CA TYR B 43 25.32 10.23 4.57
C TYR B 43 26.77 9.81 4.58
N ASP B 44 27.12 8.92 3.65
CA ASP B 44 28.50 8.47 3.50
C ASP B 44 29.42 9.50 2.84
N GLU B 45 28.84 10.39 2.03
CA GLU B 45 29.58 11.44 1.36
C GLU B 45 30.21 12.39 2.39
N ASP B 46 31.48 12.73 2.21
CA ASP B 46 32.12 13.69 3.12
C ASP B 46 31.62 15.10 2.82
N LEU B 47 30.82 15.64 3.73
CA LEU B 47 30.21 16.94 3.53
C LEU B 47 31.04 18.07 4.11
N THR B 48 32.15 17.72 4.76
CA THR B 48 33.02 18.72 5.39
C THR B 48 33.41 19.86 4.45
N GLY B 49 33.28 21.11 4.91
CA GLY B 49 33.81 22.25 4.18
C GLY B 49 32.96 22.72 3.01
N HIS B 50 31.83 22.06 2.79
CA HIS B 50 30.96 22.38 1.65
C HIS B 50 29.72 23.16 2.06
N ASN B 51 29.19 23.96 1.13
CA ASN B 51 27.86 24.52 1.28
C ASN B 51 26.89 23.41 0.90
N ILE B 52 26.00 23.08 1.83
CA ILE B 52 25.09 21.97 1.66
C ILE B 52 23.72 22.50 1.28
N PHE B 53 23.11 21.89 0.27
CA PHE B 53 21.78 22.28 -0.17
C PHE B 53 20.89 21.04 -0.14
N ILE B 54 19.98 21.00 0.83
CA ILE B 54 19.10 19.86 1.02
C ILE B 54 17.81 20.08 0.24
N ILE B 55 17.56 19.23 -0.76
CA ILE B 55 16.34 19.37 -1.56
C ILE B 55 15.32 18.32 -1.13
N GLY B 56 14.25 18.76 -0.48
CA GLY B 56 13.20 17.84 -0.06
C GLY B 56 11.95 18.60 0.36
N ASN B 57 10.79 18.08 -0.02
CA ASN B 57 9.52 18.66 0.38
C ASN B 57 9.24 18.33 1.83
N THR B 58 8.27 19.02 2.41
CA THR B 58 8.04 18.93 3.86
C THR B 58 6.56 18.79 4.20
N HIS B 59 5.82 18.03 3.40
CA HIS B 59 4.37 17.92 3.64
C HIS B 59 3.91 16.59 4.22
N SER B 60 4.51 15.47 3.82
CA SER B 60 4.09 14.19 4.39
C SER B 60 4.85 13.88 5.68
N ASP B 61 4.25 13.06 6.55
CA ASP B 61 4.92 12.63 7.76
C ASP B 61 6.32 12.12 7.44
N ALA B 62 6.45 11.28 6.41
CA ALA B 62 7.75 10.71 6.03
C ALA B 62 8.73 11.77 5.54
N GLU B 63 8.23 12.73 4.76
CA GLU B 63 9.08 13.83 4.30
C GLU B 63 9.65 14.64 5.47
N VAL B 64 8.79 14.95 6.45
CA VAL B 64 9.23 15.70 7.62
C VAL B 64 10.30 14.93 8.38
N MET B 65 10.07 13.64 8.61
CA MET B 65 11.07 12.84 9.33
C MET B 65 12.39 12.76 8.55
N GLU B 66 12.31 12.61 7.23
CA GLU B 66 13.54 12.55 6.44
C GLU B 66 14.32 13.87 6.53
N MET B 67 13.59 14.99 6.56
CA MET B 67 14.24 16.29 6.66
C MET B 67 14.89 16.44 8.03
N ILE B 68 14.10 16.18 9.08
CA ILE B 68 14.58 16.36 10.44
C ILE B 68 15.80 15.46 10.68
N LEU B 69 15.72 14.21 10.27
CA LEU B 69 16.85 13.31 10.53
C LEU B 69 18.07 13.69 9.69
N THR B 70 17.84 14.19 8.48
CA THR B 70 18.94 14.69 7.66
C THR B 70 19.63 15.85 8.38
N LEU B 71 18.83 16.72 8.99
CA LEU B 71 19.38 17.90 9.65
C LEU B 71 20.23 17.53 10.86
N SER B 72 20.03 16.33 11.39
CA SER B 72 20.89 15.80 12.44
C SER B 72 22.12 15.11 11.86
N ALA B 73 21.90 14.28 10.84
CA ALA B 73 22.97 13.49 10.26
C ALA B 73 24.11 14.38 9.75
N ILE B 74 23.77 15.50 9.13
CA ILE B 74 24.80 16.33 8.51
C ILE B 74 25.62 17.08 9.54
N GLN B 75 25.17 17.08 10.79
CA GLN B 75 25.94 17.69 11.86
C GLN B 75 27.19 16.86 12.17
N ASP B 76 27.31 15.70 11.55
CA ASP B 76 28.49 14.86 11.76
C ASP B 76 29.65 15.38 10.92
N TYR B 77 29.36 16.38 10.10
CA TYR B 77 30.38 17.00 9.26
C TYR B 77 30.48 18.50 9.53
N ARG B 78 31.70 19.02 9.53
CA ARG B 78 31.91 20.45 9.71
C ARG B 78 31.67 21.17 8.40
N THR B 79 30.39 21.30 8.04
CA THR B 79 29.99 21.92 6.79
C THR B 79 30.23 23.42 6.81
N LYS B 80 30.30 24.04 5.63
CA LYS B 80 30.44 25.49 5.54
C LYS B 80 29.10 26.20 5.80
N SER B 81 28.02 25.64 5.23
CA SER B 81 26.67 26.12 5.55
C SER B 81 25.65 25.03 5.26
N VAL B 82 24.46 25.19 5.81
CA VAL B 82 23.37 24.26 5.58
C VAL B 82 22.17 25.05 5.07
N ASN B 83 21.73 24.72 3.86
CA ASN B 83 20.67 25.48 3.21
C ASN B 83 19.54 24.57 2.80
N ILE B 84 18.36 24.79 3.36
CA ILE B 84 17.22 23.94 3.08
C ILE B 84 16.47 24.50 1.89
N ILE B 85 16.19 23.63 0.93
CA ILE B 85 15.36 24.01 -0.20
C ILE B 85 14.24 23.00 -0.26
N ALA B 86 13.05 23.43 0.13
CA ALA B 86 11.87 22.58 0.12
C ALA B 86 10.99 23.05 -1.02
N PRO B 87 11.12 22.39 -2.19
CA PRO B 87 10.44 22.90 -3.38
C PRO B 87 8.95 23.13 -3.08
N TYR B 88 8.30 22.12 -2.50
CA TYR B 88 6.96 22.33 -1.95
C TYR B 88 7.04 22.34 -0.43
N TYR B 89 6.60 23.44 0.16
CA TYR B 89 6.64 23.60 1.63
C TYR B 89 5.34 23.13 2.28
N GLY B 90 5.41 22.06 3.05
CA GLY B 90 4.20 21.52 3.67
C GLY B 90 3.67 22.41 4.78
N TYR B 91 2.38 22.29 5.06
CA TYR B 91 1.73 23.01 6.15
C TYR B 91 1.59 24.51 5.92
N ALA B 92 1.94 24.96 4.72
CA ALA B 92 1.83 26.37 4.38
C ALA B 92 0.36 26.82 4.32
N ARG B 93 -0.57 25.87 4.31
CA ARG B 93 -2.00 26.22 4.35
C ARG B 93 -2.52 26.40 5.78
N GLN B 94 -1.72 25.98 6.76
CA GLN B 94 -2.08 26.16 8.15
C GLN B 94 -1.07 27.13 8.76
N HIS B 95 -1.19 28.39 8.33
CA HIS B 95 -0.24 29.43 8.66
C HIS B 95 -0.79 30.35 9.74
N GLN B 96 -1.97 29.99 10.28
CA GLN B 96 -2.60 30.69 11.39
C GLN B 96 -3.65 29.75 11.99
N ARG B 97 -4.21 30.15 13.13
CA ARG B 97 -5.31 29.40 13.73
C ARG B 97 -6.63 29.85 13.14
N TYR B 98 -7.46 28.91 12.71
CA TYR B 98 -8.78 29.25 12.20
C TYR B 98 -9.86 28.97 13.23
N LYS B 99 -9.49 28.21 14.26
CA LYS B 99 -10.34 27.98 15.43
C LYS B 99 -9.46 27.91 16.66
N ASN B 100 -10.06 28.11 17.84
CA ASN B 100 -9.33 28.00 19.09
C ASN B 100 -8.70 26.63 19.22
N GLY B 101 -7.46 26.60 19.68
CA GLY B 101 -6.81 25.34 19.99
C GLY B 101 -6.23 24.57 18.78
N GLU B 102 -6.20 25.20 17.61
CA GLU B 102 -5.52 24.62 16.44
C GLU B 102 -4.03 24.95 16.55
N PRO B 103 -3.19 24.15 15.89
CA PRO B 103 -1.77 24.52 15.78
C PRO B 103 -1.59 25.59 14.72
N ILE B 104 -0.54 26.39 14.83
CA ILE B 104 -0.06 27.10 13.64
C ILE B 104 1.05 26.21 13.11
N SER B 105 0.66 25.20 12.37
CA SER B 105 1.60 24.15 11.96
C SER B 105 2.84 24.70 11.24
N SER B 106 2.65 25.67 10.34
CA SER B 106 3.79 26.17 9.56
C SER B 106 4.74 26.98 10.45
N GLN B 107 4.23 27.54 11.54
CA GLN B 107 5.09 28.26 12.47
C GLN B 107 6.05 27.31 13.24
N ILE B 108 5.51 26.29 13.91
CA ILE B 108 6.39 25.42 14.69
C ILE B 108 7.38 24.69 13.78
N LEU B 109 6.92 24.29 12.60
CA LEU B 109 7.80 23.52 11.74
C LEU B 109 8.90 24.42 11.16
N THR B 110 8.55 25.66 10.87
CA THR B 110 9.53 26.60 10.33
C THR B 110 10.54 26.99 11.40
N GLU B 111 10.07 27.12 12.64
CA GLU B 111 10.97 27.31 13.79
C GLU B 111 11.96 26.18 13.93
N ILE B 112 11.48 24.94 13.80
CA ILE B 112 12.38 23.78 13.85
C ILE B 112 13.43 23.82 12.73
N TYR B 113 12.98 23.96 11.50
CA TYR B 113 13.89 23.95 10.37
C TYR B 113 14.93 25.05 10.43
N SER B 114 14.52 26.25 10.85
CA SER B 114 15.45 27.36 10.85
C SER B 114 16.42 27.28 12.03
N SER B 115 16.10 26.41 13.01
CA SER B 115 17.04 26.15 14.12
C SER B 115 18.24 25.30 13.73
N TYR B 116 18.17 24.64 12.57
CA TYR B 116 19.21 23.72 12.14
C TYR B 116 19.75 24.05 10.75
N SER B 117 19.52 25.28 10.31
CA SER B 117 19.98 25.66 8.99
C SER B 117 20.46 27.11 9.00
N ASN B 118 21.11 27.53 7.91
CA ASN B 118 21.51 28.92 7.73
C ASN B 118 20.55 29.68 6.82
N SER B 119 19.71 28.95 6.10
CA SER B 119 18.73 29.58 5.22
C SER B 119 17.70 28.54 4.79
N ILE B 120 16.53 29.02 4.40
CA ILE B 120 15.47 28.17 3.86
C ILE B 120 14.94 28.82 2.59
N ALA B 121 14.48 28.01 1.65
CA ALA B 121 13.84 28.53 0.45
C ALA B 121 12.76 27.54 0.04
N THR B 122 11.74 28.04 -0.64
CA THR B 122 10.72 27.17 -1.19
C THR B 122 10.28 27.81 -2.50
N VAL B 123 9.47 27.12 -3.29
CA VAL B 123 8.98 27.69 -4.53
C VAL B 123 7.49 28.04 -4.32
N ASP B 124 7.17 29.33 -4.41
CA ASP B 124 5.77 29.80 -4.39
C ASP B 124 4.99 29.31 -3.18
N ILE B 125 5.39 29.79 -2.01
CA ILE B 125 4.73 29.43 -0.76
C ILE B 125 3.27 29.87 -0.79
N HIS B 126 2.39 29.12 -0.11
CA HIS B 126 0.98 29.40 -0.23
C HIS B 126 0.59 30.76 0.33
N ASP B 127 1.28 31.15 1.40
CA ASP B 127 1.00 32.42 2.06
C ASP B 127 2.30 32.91 2.68
N GLU B 128 2.65 34.15 2.38
CA GLU B 128 3.94 34.70 2.77
C GLU B 128 4.14 34.80 4.29
N LYS B 129 3.06 34.70 5.04
CA LYS B 129 3.12 34.84 6.49
C LYS B 129 4.15 33.86 7.04
N THR B 130 4.17 32.67 6.45
CA THR B 130 5.06 31.62 6.91
C THR B 130 6.55 31.97 6.81
N LEU B 131 6.89 32.79 5.82
CA LEU B 131 8.28 33.22 5.65
C LEU B 131 8.77 33.97 6.88
N SER B 132 7.84 34.59 7.60
CA SER B 132 8.18 35.41 8.76
C SER B 132 8.15 34.62 10.06
N TYR B 133 8.11 33.29 9.94
CA TYR B 133 8.18 32.42 11.11
C TYR B 133 9.62 31.92 11.28
N SER B 134 10.46 32.24 10.31
CA SER B 134 11.84 31.75 10.29
C SER B 134 12.85 32.76 10.85
N LYS B 135 13.79 32.29 11.67
CA LYS B 135 14.86 33.14 12.19
C LYS B 135 15.96 33.38 11.14
N VAL B 136 16.06 32.50 10.15
CA VAL B 136 17.02 32.71 9.05
C VAL B 136 16.25 33.23 7.83
N LYS B 137 16.97 33.75 6.84
CA LYS B 137 16.32 34.20 5.61
C LYS B 137 15.58 33.06 4.92
N PHE B 138 14.27 33.24 4.72
CA PHE B 138 13.41 32.24 4.11
C PHE B 138 12.95 32.83 2.76
N SER B 139 13.57 32.37 1.69
CA SER B 139 13.32 32.95 0.36
C SER B 139 12.18 32.24 -0.35
N ASP B 140 11.34 33.02 -1.02
CA ASP B 140 10.22 32.50 -1.78
C ASP B 140 10.59 32.62 -3.27
N LEU B 141 10.96 31.51 -3.89
CA LEU B 141 11.32 31.52 -5.31
C LEU B 141 10.05 31.42 -6.14
N HIS B 142 10.14 31.68 -7.44
CA HIS B 142 8.94 31.74 -8.26
C HIS B 142 9.04 30.95 -9.57
N ALA B 143 7.97 30.20 -9.85
CA ALA B 143 7.90 29.36 -11.04
C ALA B 143 7.48 30.15 -12.29
N ASN B 144 7.21 31.45 -12.13
CA ASN B 144 6.62 32.23 -13.23
C ASN B 144 7.32 32.09 -14.58
N ASP B 145 8.65 32.24 -14.59
CA ASP B 145 9.37 32.25 -15.87
C ASP B 145 9.37 30.89 -16.52
N ALA B 146 9.46 29.85 -15.70
CA ALA B 146 9.39 28.49 -16.18
C ALA B 146 8.03 28.23 -16.84
N ILE B 147 6.96 28.71 -16.23
CA ILE B 147 5.62 28.54 -16.79
C ILE B 147 5.47 29.35 -18.08
N VAL B 148 5.93 30.59 -18.06
CA VAL B 148 5.99 31.39 -19.28
C VAL B 148 6.71 30.64 -20.41
N ARG B 149 7.89 30.09 -20.12
CA ARG B 149 8.66 29.36 -21.12
C ARG B 149 7.87 28.21 -21.70
N TYR B 150 7.15 27.47 -20.85
CA TYR B 150 6.35 26.36 -21.34
C TYR B 150 5.26 26.82 -22.31
N TYR B 151 4.64 27.97 -22.01
CA TYR B 151 3.51 28.45 -22.80
C TYR B 151 3.87 29.49 -23.85
N LYS B 152 5.16 29.72 -24.06
CA LYS B 152 5.62 30.80 -24.94
C LYS B 152 5.02 30.71 -26.34
N ASN B 153 4.90 29.47 -26.83
CA ASN B 153 4.36 29.23 -28.17
C ASN B 153 3.05 28.45 -28.13
N VAL B 154 2.30 28.65 -27.06
CA VAL B 154 0.99 28.04 -26.91
C VAL B 154 -0.10 29.09 -27.09
N ASP B 155 -1.14 28.77 -27.84
CA ASP B 155 -2.20 29.73 -28.08
C ASP B 155 -3.18 29.84 -26.90
N VAL B 156 -3.14 30.99 -26.24
CA VAL B 156 -4.00 31.27 -25.09
C VAL B 156 -4.46 32.72 -25.17
N ASP B 157 -5.70 32.97 -24.77
CA ASP B 157 -6.25 34.31 -24.81
C ASP B 157 -6.15 35.04 -23.46
N TYR B 158 -6.47 34.32 -22.38
CA TYR B 158 -6.42 34.85 -21.03
C TYR B 158 -5.65 33.92 -20.10
N VAL B 159 -4.94 34.50 -19.15
CA VAL B 159 -4.38 33.73 -18.03
C VAL B 159 -5.28 34.05 -16.83
N VAL B 160 -5.70 33.02 -16.11
CA VAL B 160 -6.74 33.20 -15.10
C VAL B 160 -6.31 32.66 -13.74
N SER B 161 -6.49 33.48 -12.71
CA SER B 161 -6.27 33.02 -11.34
C SER B 161 -7.61 32.66 -10.70
N PRO B 162 -7.67 31.50 -10.02
CA PRO B 162 -8.88 30.99 -9.37
C PRO B 162 -9.21 31.75 -8.09
N ASP B 163 -8.30 32.62 -7.64
CA ASP B 163 -8.48 33.34 -6.38
C ASP B 163 -7.76 34.70 -6.44
N ASP B 164 -7.93 35.52 -5.41
CA ASP B 164 -7.26 36.81 -5.45
C ASP B 164 -5.79 36.67 -5.11
N GLY B 165 -5.45 35.63 -4.36
CA GLY B 165 -4.08 35.37 -3.98
C GLY B 165 -3.20 35.14 -5.20
N GLY B 166 -3.81 34.64 -6.26
CA GLY B 166 -3.09 34.28 -7.47
C GLY B 166 -3.03 35.38 -8.50
N LEU B 167 -3.60 36.53 -8.19
CA LEU B 167 -3.64 37.65 -9.14
C LEU B 167 -2.27 38.14 -9.60
N ALA B 168 -1.36 38.41 -8.66
CA ALA B 168 -0.05 38.93 -9.01
C ALA B 168 0.66 37.98 -9.97
N ARG B 169 0.51 36.69 -9.73
CA ARG B 169 1.16 35.67 -10.53
C ARG B 169 0.65 35.71 -11.97
N VAL B 170 -0.66 35.67 -12.14
CA VAL B 170 -1.19 35.66 -13.51
C VAL B 170 -1.01 37.00 -14.21
N ALA B 171 -0.94 38.09 -13.44
CA ALA B 171 -0.65 39.39 -14.05
C ALA B 171 0.76 39.39 -14.62
N ASP B 172 1.68 38.80 -13.88
CA ASP B 172 3.07 38.71 -14.34
C ASP B 172 3.18 37.73 -15.50
N ILE B 173 2.55 36.56 -15.36
CA ILE B 173 2.63 35.54 -16.40
C ILE B 173 2.01 36.04 -17.72
N SER B 174 0.82 36.63 -17.62
CA SER B 174 0.15 37.14 -18.81
C SER B 174 0.95 38.27 -19.46
N ALA B 175 1.53 39.15 -18.64
CA ALA B 175 2.33 40.24 -19.19
C ALA B 175 3.45 39.67 -20.03
N LYS B 176 4.11 38.64 -19.51
CA LYS B 176 5.25 38.06 -20.18
C LYS B 176 4.87 37.28 -21.45
N LEU B 177 3.63 36.84 -21.52
CA LEU B 177 3.12 36.17 -22.73
C LEU B 177 2.36 37.16 -23.64
N GLY B 178 2.23 38.41 -23.20
CA GLY B 178 1.47 39.39 -23.96
C GLY B 178 -0.01 39.08 -24.09
N LYS B 179 -0.56 38.44 -23.05
CA LYS B 179 -1.98 38.07 -23.01
C LYS B 179 -2.73 38.85 -21.94
N LYS B 180 -4.05 38.71 -21.93
CA LYS B 180 -4.88 39.35 -20.92
C LYS B 180 -4.98 38.44 -19.71
N HIS B 181 -5.58 38.92 -18.64
CA HIS B 181 -5.76 38.11 -17.43
C HIS B 181 -6.92 38.63 -16.59
N PHE B 182 -7.41 37.78 -15.70
CA PHE B 182 -8.35 38.21 -14.67
C PHE B 182 -8.34 37.19 -13.54
N PHE B 183 -8.93 37.55 -12.40
CA PHE B 183 -8.98 36.62 -11.29
C PHE B 183 -10.41 36.36 -10.87
N ILE B 184 -10.60 35.22 -10.22
CA ILE B 184 -11.90 34.80 -9.69
C ILE B 184 -11.85 34.97 -8.18
N GLU B 185 -12.97 35.38 -7.58
CA GLU B 185 -13.05 35.44 -6.12
C GLU B 185 -13.39 34.06 -5.56
N LYS B 186 -12.60 33.61 -4.58
CA LYS B 186 -12.76 32.27 -4.07
C LYS B 186 -13.01 32.27 -2.57
N LYS B 187 -13.91 31.40 -2.12
CA LYS B 187 -14.12 31.16 -0.70
C LYS B 187 -14.12 29.67 -0.46
N ARG B 188 -13.21 29.20 0.40
CA ARG B 188 -13.16 27.79 0.74
C ARG B 188 -14.22 27.43 1.78
N ILE B 189 -14.98 26.39 1.50
CA ILE B 189 -16.06 25.96 2.38
C ILE B 189 -15.59 24.84 3.32
N ASP B 190 -14.87 23.86 2.77
CA ASP B 190 -14.29 22.79 3.57
C ASP B 190 -13.11 22.19 2.81
N ASP B 191 -12.59 21.05 3.26
CA ASP B 191 -11.40 20.45 2.65
C ASP B 191 -11.54 20.22 1.14
N ARG B 192 -12.77 20.01 0.67
CA ARG B 192 -12.94 19.57 -0.71
C ARG B 192 -13.85 20.48 -1.55
N THR B 193 -14.33 21.56 -0.94
CA THR B 193 -15.37 22.42 -1.53
C THR B 193 -15.03 23.91 -1.46
N VAL B 194 -15.20 24.60 -2.60
CA VAL B 194 -15.06 26.05 -2.64
C VAL B 194 -16.27 26.71 -3.31
N GLU B 195 -16.46 27.99 -3.04
CA GLU B 195 -17.45 28.77 -3.77
C GLU B 195 -16.74 29.90 -4.52
N MET B 196 -17.26 30.27 -5.68
CA MET B 196 -16.58 31.24 -6.52
C MET B 196 -17.51 32.27 -7.18
N LYS B 197 -16.96 33.46 -7.41
CA LYS B 197 -17.62 34.52 -8.14
C LYS B 197 -16.75 34.90 -9.34
N VAL B 198 -17.08 34.38 -10.52
CA VAL B 198 -16.32 34.67 -11.75
C VAL B 198 -16.75 36.02 -12.30
N PRO B 199 -15.79 36.92 -12.57
CA PRO B 199 -16.19 38.25 -13.06
C PRO B 199 -16.83 38.14 -14.44
N ASN B 200 -17.56 39.18 -14.85
CA ASN B 200 -18.26 39.13 -16.14
C ASN B 200 -17.35 39.41 -17.33
N VAL B 201 -16.41 38.52 -17.59
CA VAL B 201 -15.52 38.65 -18.73
C VAL B 201 -15.99 37.69 -19.83
N ASP B 202 -15.99 38.17 -21.07
CA ASP B 202 -16.43 37.35 -22.18
C ASP B 202 -15.36 36.36 -22.61
N VAL B 203 -15.51 35.11 -22.18
CA VAL B 203 -14.59 34.05 -22.56
C VAL B 203 -15.22 33.11 -23.57
N ASN B 204 -16.32 33.56 -24.18
CA ASN B 204 -16.99 32.75 -25.18
C ASN B 204 -16.08 32.42 -26.36
N GLY B 205 -15.78 31.14 -26.54
CA GLY B 205 -14.84 30.71 -27.56
C GLY B 205 -13.39 31.13 -27.31
N LYS B 206 -13.07 31.55 -26.09
CA LYS B 206 -11.72 31.99 -25.77
C LYS B 206 -10.91 30.85 -25.13
N LYS B 207 -9.61 30.84 -25.41
CA LYS B 207 -8.72 29.81 -24.88
C LYS B 207 -8.08 30.34 -23.58
N LEU B 208 -8.16 29.53 -22.52
CA LEU B 208 -7.80 29.99 -21.19
C LEU B 208 -6.70 29.16 -20.59
N LEU B 209 -5.80 29.83 -19.86
CA LEU B 209 -4.83 29.15 -19.03
C LEU B 209 -5.12 29.49 -17.59
N ILE B 210 -5.53 28.50 -16.80
CA ILE B 210 -5.78 28.72 -15.38
C ILE B 210 -4.52 28.31 -14.62
N VAL B 211 -4.03 29.20 -13.76
CA VAL B 211 -2.84 28.90 -12.97
C VAL B 211 -3.10 29.12 -11.49
N ASP B 212 -2.71 28.16 -10.67
CA ASP B 212 -2.84 28.28 -9.22
C ASP B 212 -1.53 27.81 -8.57
N ASP B 213 -1.39 27.98 -7.26
CA ASP B 213 -0.16 27.51 -6.64
C ASP B 213 -0.19 26.00 -6.37
N ILE B 214 -1.32 25.53 -5.84
CA ILE B 214 -1.43 24.13 -5.45
C ILE B 214 -2.64 23.45 -6.06
N ILE B 215 -2.47 22.22 -6.53
CA ILE B 215 -3.62 21.38 -6.83
C ILE B 215 -3.62 20.22 -5.86
N SER B 216 -4.62 20.15 -5.00
CA SER B 216 -4.72 19.04 -4.07
C SER B 216 -5.89 18.13 -4.46
N THR B 217 -7.08 18.43 -3.98
CA THR B 217 -8.25 17.65 -4.36
C THR B 217 -8.70 18.02 -5.78
N GLY B 218 -8.24 19.15 -6.28
CA GLY B 218 -8.74 19.66 -7.55
C GLY B 218 -10.08 20.40 -7.47
N GLY B 219 -10.64 20.54 -6.28
CA GLY B 219 -11.89 21.28 -6.12
C GLY B 219 -11.83 22.69 -6.69
N THR B 220 -10.71 23.36 -6.47
CA THR B 220 -10.54 24.74 -6.91
C THR B 220 -10.47 24.81 -8.44
N ILE B 221 -9.60 24.00 -9.04
CA ILE B 221 -9.49 24.00 -10.50
C ILE B 221 -10.79 23.52 -11.15
N ALA B 222 -11.42 22.52 -10.55
CA ALA B 222 -12.67 21.98 -11.09
C ALA B 222 -13.78 23.02 -11.12
N LYS B 223 -13.97 23.73 -10.02
CA LYS B 223 -14.98 24.78 -9.96
C LYS B 223 -14.68 25.90 -10.97
N SER B 224 -13.44 26.40 -10.96
CA SER B 224 -13.11 27.50 -11.87
C SER B 224 -13.28 27.08 -13.33
N SER B 225 -12.77 25.90 -13.67
CA SER B 225 -12.85 25.38 -15.03
CA SER B 225 -12.85 25.43 -15.04
C SER B 225 -14.29 25.17 -15.45
N GLY B 226 -15.06 24.49 -14.58
CA GLY B 226 -16.47 24.27 -14.81
C GLY B 226 -17.24 25.55 -15.09
N LEU B 227 -17.08 26.54 -14.23
CA LEU B 227 -17.77 27.83 -14.39
C LEU B 227 -17.31 28.57 -15.66
N LEU B 228 -16.02 28.48 -15.98
CA LEU B 228 -15.54 29.13 -17.21
C LEU B 228 -16.05 28.43 -18.46
N ARG B 229 -16.22 27.11 -18.37
CA ARG B 229 -16.74 26.32 -19.49
C ARG B 229 -18.23 26.64 -19.68
N GLU B 230 -18.95 26.86 -18.58
CA GLU B 230 -20.35 27.32 -18.66
C GLU B 230 -20.42 28.61 -19.45
N LYS B 231 -19.39 29.45 -19.31
CA LYS B 231 -19.37 30.75 -19.94
C LYS B 231 -18.82 30.72 -21.36
N GLY B 232 -18.60 29.52 -21.89
CA GLY B 232 -18.29 29.36 -23.30
C GLY B 232 -16.83 29.22 -23.71
N ALA B 233 -15.94 29.09 -22.73
CA ALA B 233 -14.52 28.88 -23.02
C ALA B 233 -14.30 27.70 -23.96
N SER B 234 -13.37 27.84 -24.92
CA SER B 234 -13.19 26.80 -25.96
C SER B 234 -12.08 25.76 -25.71
N LYS B 235 -10.99 26.17 -25.08
CA LYS B 235 -9.96 25.23 -24.63
C LYS B 235 -9.46 25.73 -23.29
N ILE B 236 -9.22 24.81 -22.35
CA ILE B 236 -8.68 25.21 -21.06
C ILE B 236 -7.44 24.42 -20.69
N TYR B 237 -6.33 25.13 -20.52
CA TYR B 237 -5.11 24.57 -19.98
C TYR B 237 -5.09 24.80 -18.47
N VAL B 238 -4.64 23.80 -17.72
CA VAL B 238 -4.51 23.93 -16.28
C VAL B 238 -3.06 23.79 -15.86
N SER B 239 -2.54 24.81 -15.16
CA SER B 239 -1.20 24.72 -14.59
C SER B 239 -1.20 25.08 -13.12
N ALA B 240 -0.30 24.47 -12.37
CA ALA B 240 -0.10 24.85 -10.99
C ALA B 240 1.36 24.61 -10.65
N VAL B 241 1.85 25.21 -9.58
CA VAL B 241 3.22 24.95 -9.19
C VAL B 241 3.34 23.55 -8.57
N HIS B 242 2.53 23.29 -7.55
CA HIS B 242 2.61 22.07 -6.77
C HIS B 242 1.43 21.15 -7.07
N GLY B 243 1.69 20.08 -7.82
CA GLY B 243 0.65 19.12 -8.19
C GLY B 243 0.59 17.88 -7.29
N LEU B 244 -0.26 17.96 -6.26
CA LEU B 244 -0.42 16.85 -5.33
C LEU B 244 -1.39 15.78 -5.85
N PHE B 245 -2.46 16.22 -6.51
CA PHE B 245 -3.37 15.31 -7.20
C PHE B 245 -3.86 14.15 -6.34
N VAL B 246 -4.60 14.48 -5.28
CA VAL B 246 -5.21 13.45 -4.44
C VAL B 246 -6.73 13.42 -4.65
N ASN B 247 -7.41 12.49 -4.00
CA ASN B 247 -8.87 12.54 -3.92
C ASN B 247 -9.60 12.55 -5.29
N GLY B 248 -8.99 11.91 -6.30
CA GLY B 248 -9.60 11.90 -7.62
C GLY B 248 -9.60 13.24 -8.33
N SER B 249 -8.58 14.04 -8.03
CA SER B 249 -8.46 15.38 -8.60
C SER B 249 -8.32 15.40 -10.11
N GLU B 250 -7.50 14.50 -10.66
CA GLU B 250 -7.26 14.51 -12.10
C GLU B 250 -8.58 14.37 -12.86
N ASN B 251 -9.43 13.44 -12.43
CA ASN B 251 -10.72 13.25 -13.09
C ASN B 251 -11.63 14.46 -12.95
N LYS B 252 -11.71 15.01 -11.76
CA LYS B 252 -12.52 16.21 -11.55
C LYS B 252 -12.10 17.31 -12.52
N ILE B 253 -10.80 17.50 -12.66
CA ILE B 253 -10.29 18.60 -13.49
C ILE B 253 -10.56 18.37 -14.96
N LEU B 254 -10.37 17.14 -15.43
CA LEU B 254 -10.48 16.85 -16.85
C LEU B 254 -11.93 16.85 -17.34
N GLN B 255 -12.88 17.02 -16.42
CA GLN B 255 -14.28 17.16 -16.81
C GLN B 255 -14.53 18.47 -17.53
N ASN B 256 -13.71 19.48 -17.25
CA ASN B 256 -13.87 20.78 -17.90
C ASN B 256 -12.58 21.38 -18.44
N ALA B 257 -11.48 20.66 -18.33
CA ALA B 257 -10.21 21.17 -18.84
C ALA B 257 -9.61 20.17 -19.79
N ASP B 258 -8.71 20.65 -20.65
CA ASP B 258 -8.17 19.81 -21.72
C ASP B 258 -6.78 19.27 -21.44
N GLU B 259 -5.98 20.06 -20.73
CA GLU B 259 -4.60 19.67 -20.45
C GLU B 259 -4.17 20.15 -19.07
N ILE B 260 -3.25 19.41 -18.46
CA ILE B 260 -2.71 19.74 -17.14
C ILE B 260 -1.19 19.73 -17.20
N HIS B 261 -0.57 20.84 -16.79
CA HIS B 261 0.89 20.91 -16.72
C HIS B 261 1.33 21.63 -15.47
N VAL B 262 2.06 20.90 -14.61
CA VAL B 262 2.57 21.45 -13.37
C VAL B 262 4.10 21.38 -13.35
N THR B 263 4.72 21.86 -12.27
CA THR B 263 6.18 21.79 -12.19
C THR B 263 6.65 20.51 -11.53
N ASP B 264 7.97 20.37 -11.37
CA ASP B 264 8.53 19.21 -10.69
C ASP B 264 8.79 19.42 -9.19
N THR B 265 8.21 20.47 -8.60
CA THR B 265 8.35 20.65 -7.15
C THR B 265 7.77 19.43 -6.47
N VAL B 266 6.62 18.98 -6.97
CA VAL B 266 6.09 17.67 -6.61
C VAL B 266 6.13 16.84 -7.89
N GLU B 267 6.72 15.65 -7.82
CA GLU B 267 6.83 14.81 -9.01
C GLU B 267 5.54 14.04 -9.28
N SER B 268 4.97 14.23 -10.47
CA SER B 268 3.78 13.49 -10.90
C SER B 268 3.85 13.28 -12.41
N LYS B 269 2.92 12.52 -12.96
CA LYS B 269 2.88 12.32 -14.40
C LYS B 269 2.66 13.64 -15.15
N PHE B 270 2.29 14.68 -14.42
CA PHE B 270 2.03 15.97 -15.06
C PHE B 270 3.19 16.97 -14.93
N SER B 271 4.28 16.58 -14.28
CA SER B 271 5.42 17.49 -14.07
C SER B 271 6.19 17.74 -15.36
N ASP B 272 5.68 18.66 -16.17
CA ASP B 272 6.18 19.00 -17.49
C ASP B 272 7.01 20.27 -17.47
N ILE B 273 6.94 20.99 -16.36
CA ILE B 273 7.55 22.32 -16.28
C ILE B 273 8.61 22.33 -15.18
N SER B 274 9.89 22.25 -15.53
CA SER B 274 10.90 22.18 -14.48
C SER B 274 11.25 23.55 -13.90
N VAL B 275 11.44 23.61 -12.59
CA VAL B 275 11.89 24.85 -11.95
C VAL B 275 13.39 24.79 -11.61
N TYR B 276 14.14 23.90 -12.26
CA TYR B 276 15.55 23.75 -11.92
C TYR B 276 16.36 25.04 -12.09
N GLN B 277 16.07 25.82 -13.11
CA GLN B 277 16.84 27.05 -13.37
C GLN B 277 16.65 28.06 -12.24
N GLU B 278 15.41 28.25 -11.81
CA GLU B 278 15.12 29.19 -10.74
C GLU B 278 15.85 28.79 -9.46
N VAL B 279 15.88 27.49 -9.18
CA VAL B 279 16.56 27.01 -7.98
C VAL B 279 18.07 27.12 -8.14
N CYS B 280 18.56 26.77 -9.31
CA CYS B 280 19.99 26.92 -9.58
C CYS B 280 20.44 28.36 -9.41
N ASN B 281 19.63 29.31 -9.87
CA ASN B 281 20.00 30.70 -9.75
C ASN B 281 20.15 31.09 -8.29
N TYR B 282 19.19 30.66 -7.48
CA TYR B 282 19.23 30.86 -6.04
C TYR B 282 20.50 30.25 -5.43
N ILE B 283 20.80 29.00 -5.79
CA ILE B 283 21.96 28.31 -5.22
C ILE B 283 23.26 29.03 -5.54
N ARG B 284 23.36 29.55 -6.76
CA ARG B 284 24.55 30.27 -7.20
C ARG B 284 24.74 31.57 -6.43
N ASP B 285 23.64 32.22 -6.06
CA ASP B 285 23.71 33.46 -5.29
C ASP B 285 24.23 33.19 -3.89
N ILE B 286 23.98 31.97 -3.41
CA ILE B 286 24.42 31.58 -2.08
C ILE B 286 25.85 31.01 -2.11
N ASP B 287 26.12 30.17 -3.10
CA ASP B 287 27.41 29.47 -3.20
C ASP B 287 28.46 30.31 -3.91
N MET C 3 -19.65 -4.80 14.21
CA MET C 3 -18.82 -5.45 13.19
C MET C 3 -19.67 -6.04 12.08
N LYS C 4 -19.07 -6.15 10.90
CA LYS C 4 -19.70 -6.83 9.77
C LYS C 4 -18.77 -7.95 9.32
N ILE C 5 -19.32 -9.16 9.19
CA ILE C 5 -18.57 -10.28 8.64
C ILE C 5 -19.00 -10.52 7.20
N ILE C 6 -18.09 -10.29 6.25
CA ILE C 6 -18.36 -10.55 4.85
C ILE C 6 -17.89 -11.97 4.49
N ALA C 7 -18.79 -12.74 3.88
CA ALA C 7 -18.44 -14.10 3.48
C ALA C 7 -18.27 -14.20 1.98
N LEU C 8 -17.03 -14.34 1.53
CA LEU C 8 -16.77 -14.60 0.11
C LEU C 8 -17.11 -16.04 -0.23
N ARG C 9 -17.20 -16.33 -1.52
CA ARG C 9 -17.75 -17.59 -1.99
C ARG C 9 -16.97 -18.81 -1.50
N SER C 10 -15.68 -18.64 -1.25
CA SER C 10 -14.88 -19.80 -0.87
C SER C 10 -15.05 -20.19 0.59
N SER C 11 -15.68 -19.32 1.38
CA SER C 11 -15.64 -19.48 2.84
C SER C 11 -16.99 -19.40 3.53
N LEU C 12 -18.06 -19.73 2.82
CA LEU C 12 -19.40 -19.55 3.35
C LEU C 12 -19.62 -20.31 4.67
N LYS C 13 -19.09 -21.53 4.76
CA LYS C 13 -19.30 -22.37 5.94
C LYS C 13 -18.57 -21.85 7.18
N LEU C 14 -17.28 -21.58 7.04
CA LEU C 14 -16.50 -21.08 8.17
C LEU C 14 -16.98 -19.69 8.57
N ALA C 15 -17.33 -18.87 7.59
CA ALA C 15 -17.81 -17.52 7.86
C ALA C 15 -19.13 -17.54 8.61
N ALA C 16 -19.99 -18.49 8.25
CA ALA C 16 -21.26 -18.66 8.94
C ALA C 16 -21.04 -19.06 10.40
N ARG C 17 -20.15 -20.02 10.62
CA ARG C 17 -19.82 -20.45 11.99
C ARG C 17 -19.23 -19.29 12.81
N ILE C 18 -18.36 -18.51 12.16
CA ILE C 18 -17.78 -17.34 12.79
C ILE C 18 -18.84 -16.31 13.15
N ALA C 19 -19.71 -16.01 12.19
CA ALA C 19 -20.76 -15.01 12.40
C ALA C 19 -21.67 -15.45 13.55
N GLU C 20 -22.00 -16.73 13.56
CA GLU C 20 -22.86 -17.29 14.60
C GLU C 20 -22.27 -17.07 15.99
N GLU C 21 -20.97 -17.37 16.12
CA GLU C 21 -20.27 -17.23 17.39
C GLU C 21 -20.17 -15.77 17.82
N LEU C 22 -20.04 -14.87 16.85
CA LEU C 22 -19.89 -13.45 17.16
C LEU C 22 -21.23 -12.71 17.20
N LYS C 23 -22.31 -13.46 17.06
CA LYS C 23 -23.66 -12.89 17.22
C LYS C 23 -23.97 -11.82 16.18
N THR C 24 -23.64 -12.11 14.92
CA THR C 24 -23.96 -11.23 13.81
C THR C 24 -24.38 -12.07 12.60
N GLU C 25 -25.06 -11.46 11.63
CA GLU C 25 -25.46 -12.19 10.42
C GLU C 25 -24.47 -11.87 9.31
N PRO C 26 -23.94 -12.90 8.66
CA PRO C 26 -22.93 -12.71 7.62
C PRO C 26 -23.48 -11.93 6.42
N VAL C 27 -22.59 -11.20 5.75
CA VAL C 27 -22.96 -10.43 4.57
C VAL C 27 -22.36 -11.11 3.34
N MET C 28 -23.20 -11.39 2.35
CA MET C 28 -22.73 -11.91 1.07
C MET C 28 -23.01 -10.94 -0.07
N PRO C 29 -22.03 -10.74 -0.94
CA PRO C 29 -22.25 -9.82 -2.05
C PRO C 29 -23.18 -10.42 -3.08
N ASP C 30 -23.92 -9.59 -3.81
CA ASP C 30 -24.58 -9.98 -5.04
C ASP C 30 -23.43 -10.17 -6.01
N GLU C 31 -23.40 -11.30 -6.72
CA GLU C 31 -22.24 -11.60 -7.55
C GLU C 31 -22.66 -12.24 -8.86
N ARG C 32 -22.04 -11.82 -9.97
CA ARG C 32 -22.32 -12.45 -11.26
C ARG C 32 -21.16 -12.23 -12.22
N ARG C 33 -21.16 -12.97 -13.32
CA ARG C 33 -20.15 -12.75 -14.35
C ARG C 33 -20.83 -12.00 -15.49
N PHE C 34 -20.19 -10.94 -15.97
CA PHE C 34 -20.63 -10.30 -17.21
C PHE C 34 -20.48 -11.30 -18.37
N PRO C 35 -21.15 -11.05 -19.50
CA PRO C 35 -21.03 -11.99 -20.62
C PRO C 35 -19.59 -12.24 -21.11
N ASP C 36 -18.70 -11.27 -20.94
CA ASP C 36 -17.30 -11.40 -21.35
C ASP C 36 -16.42 -12.04 -20.27
N GLY C 37 -17.05 -12.51 -19.20
CA GLY C 37 -16.33 -13.22 -18.16
C GLY C 37 -15.78 -12.36 -17.05
N GLU C 38 -15.99 -11.05 -17.13
CA GLU C 38 -15.55 -10.15 -16.04
C GLU C 38 -16.44 -10.31 -14.81
N LEU C 39 -15.84 -10.14 -13.63
CA LEU C 39 -16.59 -10.35 -12.39
C LEU C 39 -17.32 -9.09 -11.96
N TYR C 40 -18.59 -9.25 -11.56
CA TYR C 40 -19.37 -8.17 -10.96
C TYR C 40 -19.73 -8.54 -9.53
N LEU C 41 -19.61 -7.59 -8.62
CA LEU C 41 -20.17 -7.79 -7.29
C LEU C 41 -20.72 -6.49 -6.70
N ARG C 42 -21.54 -6.63 -5.66
CA ARG C 42 -22.17 -5.46 -5.05
C ARG C 42 -22.57 -5.77 -3.62
N TYR C 43 -22.21 -4.87 -2.70
CA TYR C 43 -22.64 -5.00 -1.33
C TYR C 43 -23.79 -4.03 -1.03
N ASP C 44 -24.99 -4.58 -0.85
CA ASP C 44 -26.18 -3.79 -0.57
C ASP C 44 -26.31 -3.39 0.90
N GLU C 45 -25.71 -4.16 1.79
CA GLU C 45 -25.76 -3.83 3.23
C GLU C 45 -24.93 -2.60 3.51
N ASP C 46 -25.47 -1.71 4.32
CA ASP C 46 -24.79 -0.49 4.67
C ASP C 46 -23.65 -0.81 5.64
N LEU C 47 -22.42 -0.66 5.19
CA LEU C 47 -21.28 -1.05 6.02
C LEU C 47 -20.74 0.12 6.84
N THR C 48 -21.38 1.28 6.70
CA THR C 48 -20.90 2.51 7.34
C THR C 48 -20.67 2.34 8.83
N GLY C 49 -19.52 2.81 9.29
CA GLY C 49 -19.22 2.87 10.72
C GLY C 49 -18.87 1.55 11.37
N HIS C 50 -18.79 0.48 10.58
CA HIS C 50 -18.53 -0.83 11.17
C HIS C 50 -17.09 -1.28 10.97
N ASN C 51 -16.61 -2.13 11.87
CA ASN C 51 -15.37 -2.85 11.63
C ASN C 51 -15.65 -4.01 10.69
N ILE C 52 -15.02 -4.00 9.52
CA ILE C 52 -15.32 -5.00 8.52
C ILE C 52 -14.30 -6.14 8.54
N PHE C 53 -14.80 -7.37 8.53
CA PHE C 53 -13.96 -8.56 8.43
C PHE C 53 -14.33 -9.37 7.19
N ILE C 54 -13.46 -9.34 6.19
CA ILE C 54 -13.68 -10.06 4.95
C ILE C 54 -13.09 -11.45 5.04
N ILE C 55 -13.93 -12.48 4.95
CA ILE C 55 -13.47 -13.86 5.02
C ILE C 55 -13.50 -14.54 3.65
N GLY C 56 -12.33 -14.85 3.11
CA GLY C 56 -12.25 -15.56 1.85
C GLY C 56 -10.84 -16.04 1.59
N ASN C 57 -10.71 -17.21 1.00
CA ASN C 57 -9.40 -17.75 0.65
C ASN C 57 -8.83 -16.98 -0.54
N THR C 58 -7.54 -17.14 -0.78
CA THR C 58 -6.90 -16.31 -1.81
C THR C 58 -6.02 -17.13 -2.75
N HIS C 59 -6.49 -18.31 -3.14
CA HIS C 59 -5.62 -19.16 -3.95
C HIS C 59 -6.01 -19.35 -5.42
N SER C 60 -7.31 -19.40 -5.72
CA SER C 60 -7.71 -19.51 -7.13
C SER C 60 -7.83 -18.13 -7.79
N ASP C 61 -7.81 -18.12 -9.12
CA ASP C 61 -7.93 -16.86 -9.87
C ASP C 61 -9.18 -16.10 -9.44
N ALA C 62 -10.32 -16.79 -9.40
CA ALA C 62 -11.59 -16.18 -9.00
C ALA C 62 -11.60 -15.70 -7.56
N GLU C 63 -11.01 -16.47 -6.65
CA GLU C 63 -10.89 -16.04 -5.26
C GLU C 63 -10.14 -14.72 -5.15
N VAL C 64 -9.04 -14.60 -5.90
CA VAL C 64 -8.24 -13.40 -5.85
C VAL C 64 -9.04 -12.24 -6.42
N MET C 65 -9.74 -12.46 -7.52
CA MET C 65 -10.54 -11.39 -8.13
C MET C 65 -11.68 -10.96 -7.20
N GLU C 66 -12.31 -11.93 -6.54
CA GLU C 66 -13.39 -11.61 -5.62
CA GLU C 66 -13.38 -11.65 -5.59
C GLU C 66 -12.85 -10.77 -4.46
N MET C 67 -11.65 -11.10 -3.99
CA MET C 67 -11.05 -10.34 -2.90
C MET C 67 -10.68 -8.92 -3.34
N ILE C 68 -10.03 -8.79 -4.49
CA ILE C 68 -9.62 -7.47 -4.97
C ILE C 68 -10.84 -6.60 -5.22
N LEU C 69 -11.83 -7.14 -5.93
CA LEU C 69 -13.01 -6.33 -6.20
C LEU C 69 -13.77 -5.96 -4.92
N THR C 70 -13.76 -6.85 -3.93
CA THR C 70 -14.42 -6.53 -2.67
C THR C 70 -13.70 -5.35 -2.01
N LEU C 71 -12.38 -5.36 -2.09
CA LEU C 71 -11.57 -4.28 -1.50
C LEU C 71 -11.87 -2.93 -2.14
N SER C 72 -12.36 -2.95 -3.38
CA SER C 72 -12.79 -1.72 -4.03
C SER C 72 -14.22 -1.37 -3.63
N ALA C 73 -15.11 -2.35 -3.71
CA ALA C 73 -16.52 -2.15 -3.41
C ALA C 73 -16.78 -1.52 -2.05
N ILE C 74 -16.11 -2.02 -1.01
CA ILE C 74 -16.41 -1.53 0.33
C ILE C 74 -15.89 -0.11 0.58
N GLN C 75 -15.06 0.39 -0.34
CA GLN C 75 -14.66 1.79 -0.31
C GLN C 75 -15.87 2.71 -0.50
N ASP C 76 -16.98 2.16 -0.96
CA ASP C 76 -18.17 3.00 -1.12
C ASP C 76 -18.78 3.41 0.21
N TYR C 77 -18.37 2.74 1.29
CA TYR C 77 -18.89 3.00 2.63
C TYR C 77 -17.82 3.58 3.54
N ARG C 78 -18.21 4.47 4.44
CA ARG C 78 -17.28 5.04 5.40
C ARG C 78 -17.15 4.08 6.57
N THR C 79 -16.24 3.13 6.46
CA THR C 79 -16.09 2.08 7.45
C THR C 79 -15.11 2.48 8.56
N LYS C 80 -15.17 1.77 9.67
CA LYS C 80 -14.30 2.05 10.80
C LYS C 80 -12.94 1.40 10.57
N SER C 81 -12.97 0.16 10.08
CA SER C 81 -11.74 -0.52 9.69
C SER C 81 -12.05 -1.60 8.67
N VAL C 82 -11.02 -2.05 7.96
CA VAL C 82 -11.16 -3.13 6.98
C VAL C 82 -10.11 -4.18 7.29
N ASN C 83 -10.56 -5.40 7.57
CA ASN C 83 -9.68 -6.46 8.03
C ASN C 83 -9.86 -7.74 7.21
N ILE C 84 -8.79 -8.17 6.55
CA ILE C 84 -8.86 -9.36 5.70
C ILE C 84 -8.53 -10.60 6.52
N ILE C 85 -9.34 -11.63 6.39
CA ILE C 85 -9.06 -12.93 6.99
C ILE C 85 -9.16 -13.97 5.89
N ALA C 86 -8.00 -14.45 5.43
CA ALA C 86 -7.95 -15.45 4.39
C ALA C 86 -7.55 -16.75 5.07
N PRO C 87 -8.54 -17.58 5.44
CA PRO C 87 -8.25 -18.78 6.22
C PRO C 87 -7.13 -19.62 5.59
N TYR C 88 -7.24 -19.87 4.29
CA TYR C 88 -6.13 -20.46 3.53
C TYR C 88 -5.54 -19.35 2.67
N TYR C 89 -4.27 -19.06 2.89
CA TYR C 89 -3.60 -17.98 2.17
C TYR C 89 -2.94 -18.52 0.90
N GLY C 90 -3.47 -18.14 -0.26
CA GLY C 90 -2.91 -18.56 -1.53
C GLY C 90 -1.51 -18.06 -1.78
N TYR C 91 -0.77 -18.82 -2.59
CA TYR C 91 0.59 -18.48 -3.03
C TYR C 91 1.65 -18.45 -1.93
N ALA C 92 1.28 -18.99 -0.76
CA ALA C 92 2.21 -19.05 0.35
C ALA C 92 3.39 -20.01 0.08
N ARG C 93 3.26 -20.84 -0.94
CA ARG C 93 4.32 -21.79 -1.30
C ARG C 93 5.34 -21.16 -2.25
N GLN C 94 4.98 -20.01 -2.80
CA GLN C 94 5.92 -19.24 -3.62
C GLN C 94 6.29 -17.98 -2.85
N HIS C 95 7.07 -18.17 -1.78
CA HIS C 95 7.36 -17.08 -0.84
C HIS C 95 8.77 -16.55 -1.03
N GLN C 96 9.44 -17.09 -2.05
CA GLN C 96 10.81 -16.68 -2.38
C GLN C 96 11.03 -17.10 -3.83
N ARG C 97 12.12 -16.63 -4.43
CA ARG C 97 12.51 -17.06 -5.76
C ARG C 97 13.46 -18.24 -5.69
N TYR C 98 13.00 -19.40 -6.18
CA TYR C 98 13.82 -20.60 -6.22
C TYR C 98 14.75 -20.60 -7.44
N LYS C 99 14.34 -19.87 -8.46
CA LYS C 99 15.11 -19.71 -9.68
C LYS C 99 15.07 -18.24 -10.10
N ASN C 100 16.08 -17.81 -10.86
CA ASN C 100 16.07 -16.46 -11.40
C ASN C 100 14.83 -16.22 -12.26
N GLY C 101 14.22 -15.05 -12.08
CA GLY C 101 13.12 -14.66 -12.95
C GLY C 101 11.76 -15.23 -12.54
N GLU C 102 11.71 -15.91 -11.40
CA GLU C 102 10.42 -16.31 -10.83
C GLU C 102 9.81 -15.16 -10.07
N PRO C 103 8.47 -15.18 -9.91
CA PRO C 103 7.83 -14.19 -9.04
C PRO C 103 7.98 -14.58 -7.59
N ILE C 104 7.95 -13.61 -6.69
CA ILE C 104 7.66 -13.93 -5.29
C ILE C 104 6.18 -13.64 -5.16
N SER C 105 5.37 -14.61 -5.56
CA SER C 105 3.95 -14.44 -5.67
C SER C 105 3.30 -13.95 -4.38
N SER C 106 3.74 -14.51 -3.26
CA SER C 106 3.14 -14.17 -1.97
C SER C 106 3.50 -12.74 -1.58
N GLN C 107 4.57 -12.22 -2.17
CA GLN C 107 5.00 -10.88 -1.82
C GLN C 107 4.14 -9.82 -2.49
N ILE C 108 4.02 -9.89 -3.81
CA ILE C 108 3.23 -8.91 -4.53
C ILE C 108 1.75 -8.97 -4.12
N LEU C 109 1.23 -10.18 -3.91
CA LEU C 109 -0.19 -10.29 -3.54
C LEU C 109 -0.40 -9.70 -2.15
N THR C 110 0.51 -10.00 -1.23
CA THR C 110 0.40 -9.45 0.11
C THR C 110 0.54 -7.94 0.10
N GLU C 111 1.43 -7.42 -0.74
CA GLU C 111 1.55 -5.97 -0.89
C GLU C 111 0.23 -5.37 -1.37
N ILE C 112 -0.41 -6.04 -2.34
CA ILE C 112 -1.71 -5.56 -2.82
C ILE C 112 -2.75 -5.57 -1.69
N TYR C 113 -2.92 -6.72 -1.05
CA TYR C 113 -3.94 -6.80 -0.02
C TYR C 113 -3.72 -5.76 1.09
N SER C 114 -2.48 -5.59 1.51
CA SER C 114 -2.17 -4.70 2.62
C SER C 114 -2.24 -3.23 2.23
N SER C 115 -2.43 -2.96 0.95
CA SER C 115 -2.64 -1.59 0.50
C SER C 115 -4.08 -1.12 0.65
N TYR C 116 -4.99 -2.07 0.83
CA TYR C 116 -6.42 -1.76 0.88
C TYR C 116 -7.11 -2.24 2.16
N SER C 117 -6.31 -2.53 3.19
CA SER C 117 -6.85 -3.02 4.45
C SER C 117 -6.05 -2.50 5.65
N ASN C 118 -6.60 -2.66 6.85
CA ASN C 118 -5.89 -2.26 8.05
C ASN C 118 -5.19 -3.43 8.74
N SER C 119 -5.55 -4.67 8.37
CA SER C 119 -4.94 -5.86 8.92
C SER C 119 -5.23 -7.07 8.04
N ILE C 120 -4.38 -8.09 8.14
CA ILE C 120 -4.58 -9.35 7.44
C ILE C 120 -4.35 -10.46 8.45
N ALA C 121 -5.11 -11.54 8.33
CA ALA C 121 -4.81 -12.73 9.11
C ALA C 121 -5.02 -13.98 8.26
N THR C 122 -4.32 -15.06 8.61
CA THR C 122 -4.56 -16.35 7.98
C THR C 122 -4.35 -17.41 9.04
N VAL C 123 -4.71 -18.64 8.71
CA VAL C 123 -4.48 -19.77 9.61
C VAL C 123 -3.35 -20.61 9.06
N ASP C 124 -2.28 -20.73 9.83
CA ASP C 124 -1.17 -21.60 9.49
C ASP C 124 -0.59 -21.36 8.10
N ILE C 125 -0.04 -20.18 7.91
CA ILE C 125 0.57 -19.81 6.65
C ILE C 125 1.72 -20.79 6.38
N HIS C 126 1.91 -21.15 5.11
CA HIS C 126 2.89 -22.17 4.77
C HIS C 126 4.32 -21.84 5.20
N ASP C 127 4.69 -20.56 5.12
CA ASP C 127 6.01 -20.11 5.55
C ASP C 127 5.89 -18.68 6.04
N GLU C 128 6.37 -18.43 7.25
CA GLU C 128 6.12 -17.18 7.96
C GLU C 128 6.78 -15.95 7.33
N LYS C 129 7.74 -16.19 6.44
CA LYS C 129 8.43 -15.10 5.77
C LYS C 129 7.44 -14.15 5.11
N THR C 130 6.33 -14.69 4.62
CA THR C 130 5.33 -13.90 3.92
C THR C 130 4.67 -12.82 4.81
N LEU C 131 4.63 -13.06 6.11
CA LEU C 131 4.08 -12.07 7.03
C LEU C 131 4.84 -10.73 6.92
N SER C 132 6.13 -10.82 6.65
CA SER C 132 6.97 -9.63 6.59
C SER C 132 6.78 -8.84 5.31
N TYR C 133 6.05 -9.42 4.35
CA TYR C 133 5.77 -8.72 3.09
C TYR C 133 4.64 -7.71 3.23
N SER C 134 3.98 -7.72 4.37
CA SER C 134 2.79 -6.91 4.58
C SER C 134 3.05 -5.52 5.17
N LYS C 135 2.42 -4.51 4.59
CA LYS C 135 2.50 -3.14 5.07
C LYS C 135 1.74 -2.96 6.39
N VAL C 136 0.84 -3.90 6.69
CA VAL C 136 0.03 -3.82 7.89
C VAL C 136 0.21 -5.07 8.70
N LYS C 137 -0.28 -5.04 9.94
CA LYS C 137 -0.19 -6.20 10.83
C LYS C 137 -0.82 -7.42 10.17
N PHE C 138 -0.02 -8.49 10.05
CA PHE C 138 -0.43 -9.71 9.38
C PHE C 138 -0.24 -10.82 10.40
N SER C 139 -1.34 -11.37 10.90
CA SER C 139 -1.28 -12.36 11.97
C SER C 139 -1.39 -13.78 11.44
N ASP C 140 -0.63 -14.69 12.05
CA ASP C 140 -0.68 -16.10 11.69
C ASP C 140 -1.39 -16.88 12.80
N LEU C 141 -2.62 -17.30 12.55
CA LEU C 141 -3.39 -18.03 13.54
C LEU C 141 -3.05 -19.51 13.45
N HIS C 142 -3.41 -20.28 14.48
CA HIS C 142 -2.99 -21.68 14.51
C HIS C 142 -4.09 -22.67 14.85
N ALA C 143 -4.10 -23.79 14.13
CA ALA C 143 -5.11 -24.81 14.28
C ALA C 143 -4.70 -25.90 15.28
N ASN C 144 -3.53 -25.72 15.89
CA ASN C 144 -2.98 -26.74 16.78
C ASN C 144 -3.97 -27.21 17.84
N ASP C 145 -4.48 -26.28 18.64
CA ASP C 145 -5.36 -26.65 19.73
C ASP C 145 -6.65 -27.31 19.23
N ALA C 146 -7.11 -26.94 18.04
CA ALA C 146 -8.32 -27.55 17.50
C ALA C 146 -8.07 -28.98 17.06
N ILE C 147 -6.88 -29.24 16.53
CA ILE C 147 -6.50 -30.59 16.15
C ILE C 147 -6.33 -31.46 17.40
N VAL C 148 -5.69 -30.90 18.42
CA VAL C 148 -5.56 -31.58 19.71
C VAL C 148 -6.93 -31.94 20.31
N ARG C 149 -7.87 -31.00 20.27
CA ARG C 149 -9.20 -31.26 20.81
C ARG C 149 -9.86 -32.44 20.09
N TYR C 150 -9.64 -32.50 18.78
CA TYR C 150 -10.25 -33.56 17.97
C TYR C 150 -9.71 -34.94 18.31
N TYR C 151 -8.41 -35.00 18.60
CA TYR C 151 -7.75 -36.29 18.84
C TYR C 151 -7.52 -36.63 20.31
N LYS C 152 -8.06 -35.82 21.22
CA LYS C 152 -7.67 -35.95 22.63
C LYS C 152 -8.04 -37.29 23.24
N ASN C 153 -9.07 -37.94 22.71
CA ASN C 153 -9.47 -39.26 23.21
C ASN C 153 -9.35 -40.34 22.15
N VAL C 154 -8.50 -40.08 21.15
CA VAL C 154 -8.21 -41.06 20.11
C VAL C 154 -6.93 -41.81 20.47
N ASP C 155 -6.91 -43.11 20.22
CA ASP C 155 -5.75 -43.95 20.53
C ASP C 155 -4.66 -43.73 19.50
N VAL C 156 -3.64 -42.98 19.87
CA VAL C 156 -2.54 -42.64 18.96
C VAL C 156 -1.23 -42.90 19.68
N ASP C 157 -0.22 -43.39 18.95
CA ASP C 157 1.09 -43.66 19.54
C ASP C 157 2.12 -42.58 19.20
N TYR C 158 2.12 -42.14 17.94
CA TYR C 158 3.03 -41.10 17.47
C TYR C 158 2.28 -40.06 16.67
N VAL C 159 2.70 -38.80 16.79
CA VAL C 159 2.30 -37.76 15.85
C VAL C 159 3.49 -37.57 14.92
N VAL C 160 3.22 -37.55 13.61
CA VAL C 160 4.29 -37.58 12.62
C VAL C 160 4.18 -36.41 11.64
N SER C 161 5.29 -35.72 11.41
CA SER C 161 5.36 -34.71 10.36
C SER C 161 6.04 -35.27 9.12
N PRO C 162 5.42 -35.08 7.95
CA PRO C 162 5.98 -35.56 6.67
C PRO C 162 7.24 -34.81 6.25
N ASP C 163 7.58 -33.73 6.93
CA ASP C 163 8.78 -32.97 6.57
C ASP C 163 9.31 -32.10 7.72
N ASP C 164 10.48 -31.51 7.52
CA ASP C 164 11.10 -30.67 8.54
C ASP C 164 10.21 -29.48 8.90
N GLY C 165 9.57 -28.90 7.89
CA GLY C 165 8.75 -27.72 8.10
C GLY C 165 7.59 -27.93 9.07
N GLY C 166 7.02 -29.11 9.07
CA GLY C 166 5.89 -29.39 9.96
C GLY C 166 6.29 -29.91 11.33
N LEU C 167 7.59 -29.94 11.61
CA LEU C 167 8.08 -30.48 12.88
C LEU C 167 7.62 -29.68 14.10
N ALA C 168 7.74 -28.36 14.05
CA ALA C 168 7.33 -27.52 15.16
C ALA C 168 5.87 -27.76 15.53
N ARG C 169 5.02 -27.85 14.52
CA ARG C 169 3.60 -28.12 14.73
C ARG C 169 3.38 -29.46 15.43
N VAL C 170 4.01 -30.52 14.94
CA VAL C 170 3.79 -31.85 15.52
C VAL C 170 4.41 -31.99 16.91
N ALA C 171 5.51 -31.29 17.16
CA ALA C 171 6.11 -31.29 18.49
C ALA C 171 5.10 -30.69 19.48
N ASP C 172 4.43 -29.62 19.06
CA ASP C 172 3.45 -28.97 19.91
C ASP C 172 2.20 -29.82 20.11
N ILE C 173 1.68 -30.37 19.02
CA ILE C 173 0.49 -31.23 19.10
C ILE C 173 0.76 -32.49 19.93
N SER C 174 1.89 -33.16 19.68
CA SER C 174 2.17 -34.39 20.43
C SER C 174 2.29 -34.11 21.92
N ALA C 175 3.02 -33.06 22.28
CA ALA C 175 3.19 -32.70 23.68
C ALA C 175 1.84 -32.50 24.37
N LYS C 176 0.95 -31.81 23.68
CA LYS C 176 -0.37 -31.54 24.22
C LYS C 176 -1.20 -32.81 24.34
N LEU C 177 -0.96 -33.77 23.45
CA LEU C 177 -1.68 -35.05 23.50
C LEU C 177 -0.96 -36.09 24.39
N GLY C 178 0.20 -35.72 24.92
CA GLY C 178 0.98 -36.64 25.73
C GLY C 178 1.63 -37.76 24.94
N LYS C 179 1.93 -37.50 23.67
CA LYS C 179 2.46 -38.54 22.78
C LYS C 179 3.86 -38.25 22.27
N LYS C 180 4.49 -39.26 21.67
CA LYS C 180 5.79 -39.07 21.05
C LYS C 180 5.62 -38.52 19.65
N HIS C 181 6.70 -38.03 19.06
CA HIS C 181 6.65 -37.57 17.68
C HIS C 181 7.98 -37.75 16.98
N PHE C 182 7.95 -37.65 15.66
CA PHE C 182 9.15 -37.55 14.85
C PHE C 182 8.78 -36.94 13.51
N PHE C 183 9.79 -36.56 12.74
CA PHE C 183 9.53 -36.01 11.43
C PHE C 183 10.28 -36.79 10.38
N ILE C 184 9.74 -36.78 9.18
CA ILE C 184 10.35 -37.41 8.02
C ILE C 184 11.09 -36.32 7.25
N GLU C 185 12.27 -36.59 6.69
CA GLU C 185 12.87 -35.61 5.80
C GLU C 185 12.40 -35.78 4.36
N LYS C 186 11.99 -34.68 3.74
CA LYS C 186 11.37 -34.73 2.43
C LYS C 186 12.12 -33.85 1.44
N LYS C 187 12.26 -34.36 0.22
CA LYS C 187 12.75 -33.58 -0.91
C LYS C 187 11.70 -33.61 -2.00
N ARG C 188 11.16 -32.45 -2.35
CA ARG C 188 10.22 -32.39 -3.46
C ARG C 188 10.97 -32.55 -4.77
N ILE C 189 10.46 -33.43 -5.64
CA ILE C 189 11.08 -33.66 -6.94
C ILE C 189 10.39 -32.78 -7.97
N ASP C 190 9.07 -32.88 -8.05
CA ASP C 190 8.28 -31.96 -8.87
C ASP C 190 6.91 -31.70 -8.24
N ASP C 191 5.97 -31.17 -9.02
CA ASP C 191 4.68 -30.74 -8.48
C ASP C 191 3.94 -31.90 -7.84
N ARG C 192 4.28 -33.12 -8.23
CA ARG C 192 3.49 -34.29 -7.84
C ARG C 192 4.33 -35.40 -7.21
N THR C 193 5.61 -35.13 -7.01
CA THR C 193 6.55 -36.17 -6.61
C THR C 193 7.51 -35.70 -5.53
N VAL C 194 7.64 -36.49 -4.48
CA VAL C 194 8.59 -36.19 -3.41
C VAL C 194 9.41 -37.42 -3.04
N GLU C 195 10.59 -37.22 -2.47
CA GLU C 195 11.39 -38.30 -1.91
C GLU C 195 11.54 -38.13 -0.41
N MET C 196 11.51 -39.23 0.33
CA MET C 196 11.53 -39.13 1.77
C MET C 196 12.50 -40.11 2.41
N LYS C 197 13.04 -39.71 3.55
CA LYS C 197 13.80 -40.62 4.39
C LYS C 197 13.14 -40.67 5.75
N VAL C 198 12.51 -41.79 6.06
CA VAL C 198 11.94 -42.01 7.38
C VAL C 198 13.05 -42.36 8.37
N PRO C 199 13.07 -41.72 9.54
CA PRO C 199 14.10 -42.07 10.52
C PRO C 199 13.90 -43.49 11.04
N ASN C 200 14.91 -44.01 11.72
CA ASN C 200 14.86 -45.35 12.26
C ASN C 200 14.01 -45.37 13.52
N VAL C 201 12.70 -45.24 13.35
CA VAL C 201 11.76 -45.28 14.46
C VAL C 201 10.92 -46.54 14.36
N ASP C 202 10.74 -47.21 15.48
CA ASP C 202 9.95 -48.44 15.51
C ASP C 202 8.45 -48.14 15.56
N VAL C 203 7.80 -48.23 14.41
CA VAL C 203 6.36 -47.99 14.34
C VAL C 203 5.58 -49.28 14.09
N ASN C 204 6.27 -50.42 14.19
CA ASN C 204 5.64 -51.71 13.96
C ASN C 204 4.48 -51.96 14.93
N GLY C 205 3.27 -52.04 14.38
CA GLY C 205 2.07 -52.20 15.18
C GLY C 205 1.67 -50.95 15.95
N LYS C 206 2.22 -49.81 15.54
CA LYS C 206 1.90 -48.54 16.19
C LYS C 206 0.84 -47.74 15.41
N LYS C 207 0.05 -46.96 16.13
CA LYS C 207 -0.98 -46.12 15.53
C LYS C 207 -0.45 -44.71 15.33
N LEU C 208 -0.58 -44.17 14.12
CA LEU C 208 0.08 -42.92 13.77
C LEU C 208 -0.87 -41.81 13.32
N LEU C 209 -0.59 -40.59 13.76
CA LEU C 209 -1.30 -39.43 13.26
C LEU C 209 -0.32 -38.60 12.45
N ILE C 210 -0.56 -38.50 11.15
CA ILE C 210 0.29 -37.66 10.31
C ILE C 210 -0.39 -36.31 10.17
N VAL C 211 0.35 -35.24 10.45
CA VAL C 211 -0.19 -33.88 10.35
C VAL C 211 0.71 -33.04 9.46
N ASP C 212 0.10 -32.33 8.52
CA ASP C 212 0.82 -31.44 7.62
C ASP C 212 -0.01 -30.17 7.50
N ASP C 213 0.56 -29.11 6.91
CA ASP C 213 -0.22 -27.89 6.72
C ASP C 213 -1.22 -28.01 5.57
N ILE C 214 -0.74 -28.47 4.43
CA ILE C 214 -1.53 -28.49 3.21
C ILE C 214 -1.58 -29.88 2.60
N ILE C 215 -2.75 -30.28 2.13
CA ILE C 215 -2.86 -31.42 1.24
C ILE C 215 -3.34 -30.90 -0.11
N SER C 216 -2.50 -31.00 -1.13
CA SER C 216 -2.88 -30.61 -2.48
C SER C 216 -3.14 -31.85 -3.34
N THR C 217 -2.07 -32.41 -3.90
CA THR C 217 -2.18 -33.64 -4.68
C THR C 217 -2.28 -34.88 -3.80
N GLY C 218 -1.89 -34.75 -2.54
CA GLY C 218 -1.84 -35.89 -1.64
C GLY C 218 -0.56 -36.69 -1.83
N GLY C 219 0.34 -36.19 -2.66
CA GLY C 219 1.60 -36.87 -2.91
C GLY C 219 2.42 -37.03 -1.64
N THR C 220 2.50 -35.95 -0.86
CA THR C 220 3.26 -35.96 0.37
C THR C 220 2.68 -36.92 1.41
N ILE C 221 1.37 -36.88 1.60
CA ILE C 221 0.74 -37.78 2.57
C ILE C 221 0.81 -39.24 2.10
N ALA C 222 0.54 -39.46 0.81
CA ALA C 222 0.60 -40.80 0.24
C ALA C 222 1.97 -41.45 0.42
N LYS C 223 3.02 -40.71 0.12
CA LYS C 223 4.37 -41.25 0.19
C LYS C 223 4.75 -41.57 1.63
N SER C 224 4.50 -40.64 2.54
CA SER C 224 4.80 -40.88 3.95
C SER C 224 3.96 -42.05 4.51
N SER C 225 2.66 -42.00 4.27
CA SER C 225 1.76 -43.07 4.70
C SER C 225 2.25 -44.44 4.23
N GLY C 226 2.68 -44.51 2.97
CA GLY C 226 3.09 -45.76 2.37
C GLY C 226 4.34 -46.32 3.00
N LEU C 227 5.32 -45.46 3.24
CA LEU C 227 6.57 -45.89 3.87
C LEU C 227 6.35 -46.32 5.31
N LEU C 228 5.43 -45.66 6.00
CA LEU C 228 5.13 -45.99 7.39
C LEU C 228 4.33 -47.28 7.50
N ARG C 229 3.43 -47.50 6.54
CA ARG C 229 2.69 -48.73 6.44
C ARG C 229 3.66 -49.91 6.22
N GLU C 230 4.65 -49.69 5.36
CA GLU C 230 5.68 -50.68 5.07
C GLU C 230 6.44 -51.04 6.34
N LYS C 231 6.54 -50.09 7.25
CA LYS C 231 7.28 -50.28 8.50
C LYS C 231 6.39 -50.88 9.60
N GLY C 232 5.20 -51.33 9.22
CA GLY C 232 4.33 -52.04 10.13
C GLY C 232 3.30 -51.25 10.91
N ALA C 233 3.12 -49.97 10.57
CA ALA C 233 2.12 -49.16 11.27
C ALA C 233 0.76 -49.85 11.23
N SER C 234 0.02 -49.81 12.34
CA SER C 234 -1.23 -50.54 12.42
C SER C 234 -2.44 -49.70 12.02
N LYS C 235 -2.32 -48.40 12.24
CA LYS C 235 -3.38 -47.48 11.89
C LYS C 235 -2.75 -46.12 11.61
N ILE C 236 -3.30 -45.42 10.61
CA ILE C 236 -2.77 -44.11 10.24
C ILE C 236 -3.92 -43.13 10.04
N TYR C 237 -3.95 -42.10 10.90
CA TYR C 237 -4.86 -40.98 10.73
C TYR C 237 -4.10 -39.90 9.98
N VAL C 238 -4.78 -39.22 9.07
CA VAL C 238 -4.16 -38.12 8.35
C VAL C 238 -4.92 -36.85 8.67
N SER C 239 -4.19 -35.82 9.06
CA SER C 239 -4.80 -34.50 9.24
C SER C 239 -3.96 -33.41 8.59
N ALA C 240 -4.63 -32.33 8.19
CA ALA C 240 -3.95 -31.18 7.64
C ALA C 240 -4.82 -29.96 7.89
N VAL C 241 -4.23 -28.78 7.87
CA VAL C 241 -5.02 -27.58 8.09
C VAL C 241 -5.86 -27.32 6.85
N HIS C 242 -5.19 -27.30 5.71
CA HIS C 242 -5.79 -26.88 4.44
C HIS C 242 -5.93 -28.03 3.48
N GLY C 243 -7.16 -28.53 3.32
CA GLY C 243 -7.42 -29.67 2.45
C GLY C 243 -7.96 -29.27 1.09
N LEU C 244 -7.05 -29.14 0.13
CA LEU C 244 -7.43 -28.79 -1.24
C LEU C 244 -7.93 -30.01 -2.01
N PHE C 245 -7.31 -31.15 -1.75
CA PHE C 245 -7.65 -32.41 -2.41
C PHE C 245 -7.93 -32.28 -3.90
N VAL C 246 -6.90 -31.98 -4.68
CA VAL C 246 -7.05 -31.98 -6.14
C VAL C 246 -7.26 -33.40 -6.65
N ASN C 247 -7.84 -33.53 -7.84
CA ASN C 247 -8.24 -34.84 -8.38
C ASN C 247 -7.23 -35.97 -8.12
N GLY C 248 -7.73 -37.06 -7.54
CA GLY C 248 -6.91 -38.23 -7.28
C GLY C 248 -6.37 -38.30 -5.86
N SER C 249 -6.33 -37.17 -5.17
CA SER C 249 -5.70 -37.12 -3.86
C SER C 249 -6.37 -38.04 -2.85
N GLU C 250 -7.71 -38.05 -2.84
CA GLU C 250 -8.44 -38.88 -1.89
C GLU C 250 -8.03 -40.35 -1.99
N ASN C 251 -8.04 -40.86 -3.22
CA ASN C 251 -7.66 -42.25 -3.48
C ASN C 251 -6.22 -42.58 -3.12
N LYS C 252 -5.29 -41.71 -3.53
CA LYS C 252 -3.88 -41.93 -3.26
C LYS C 252 -3.61 -42.07 -1.76
N ILE C 253 -4.28 -41.24 -0.98
CA ILE C 253 -4.10 -41.24 0.47
C ILE C 253 -4.78 -42.44 1.14
N LEU C 254 -6.02 -42.70 0.80
CA LEU C 254 -6.77 -43.75 1.48
C LEU C 254 -6.23 -45.14 1.16
N GLN C 255 -5.35 -45.23 0.18
CA GLN C 255 -4.73 -46.51 -0.16
C GLN C 255 -3.80 -46.97 0.96
N ASN C 256 -3.28 -46.02 1.75
CA ASN C 256 -2.33 -46.35 2.81
C ASN C 256 -2.79 -45.85 4.18
N ALA C 257 -3.70 -44.89 4.17
CA ALA C 257 -4.19 -44.31 5.41
C ALA C 257 -5.63 -44.71 5.68
N ASP C 258 -6.02 -44.68 6.95
CA ASP C 258 -7.34 -45.14 7.36
C ASP C 258 -8.41 -44.03 7.37
N GLU C 259 -8.03 -42.84 7.82
CA GLU C 259 -8.98 -41.73 7.92
C GLU C 259 -8.31 -40.39 7.62
N ILE C 260 -9.09 -39.47 7.05
CA ILE C 260 -8.63 -38.11 6.81
C ILE C 260 -9.54 -37.13 7.54
N HIS C 261 -8.94 -36.21 8.29
CA HIS C 261 -9.68 -35.14 8.97
C HIS C 261 -8.91 -33.84 8.87
N VAL C 262 -9.49 -32.87 8.16
CA VAL C 262 -8.85 -31.58 7.99
C VAL C 262 -9.73 -30.48 8.60
N THR C 263 -9.28 -29.23 8.54
CA THR C 263 -10.09 -28.14 9.10
C THR C 263 -11.06 -27.58 8.06
N ASP C 264 -11.81 -26.55 8.45
CA ASP C 264 -12.73 -25.90 7.52
C ASP C 264 -12.14 -24.65 6.84
N THR C 265 -10.82 -24.46 6.91
CA THR C 265 -10.22 -23.35 6.16
C THR C 265 -10.54 -23.52 4.68
N VAL C 266 -10.52 -24.76 4.23
CA VAL C 266 -11.00 -25.08 2.89
C VAL C 266 -12.09 -26.11 3.09
N GLU C 267 -13.31 -25.78 2.68
CA GLU C 267 -14.46 -26.66 2.92
C GLU C 267 -14.47 -27.88 1.98
N SER C 268 -14.52 -29.06 2.56
CA SER C 268 -14.66 -30.32 1.80
C SER C 268 -15.32 -31.34 2.71
N LYS C 269 -15.56 -32.55 2.19
CA LYS C 269 -16.25 -33.56 2.97
C LYS C 269 -15.39 -34.06 4.14
N PHE C 270 -14.11 -33.68 4.14
CA PHE C 270 -13.19 -34.07 5.21
C PHE C 270 -13.00 -32.99 6.28
N SER C 271 -13.74 -31.89 6.17
CA SER C 271 -13.63 -30.81 7.15
C SER C 271 -14.38 -31.12 8.44
N ASP C 272 -13.74 -31.87 9.33
CA ASP C 272 -14.35 -32.29 10.58
C ASP C 272 -13.86 -31.45 11.74
N ILE C 273 -12.78 -30.70 11.50
CA ILE C 273 -12.19 -29.88 12.54
C ILE C 273 -12.40 -28.42 12.18
N SER C 274 -13.12 -27.67 13.00
CA SER C 274 -13.33 -26.25 12.71
C SER C 274 -12.35 -25.34 13.44
N VAL C 275 -11.96 -24.26 12.78
CA VAL C 275 -11.09 -23.25 13.38
C VAL C 275 -11.85 -21.96 13.72
N TYR C 276 -13.17 -22.03 13.80
CA TYR C 276 -13.95 -20.83 14.07
C TYR C 276 -13.56 -20.17 15.38
N GLN C 277 -13.30 -20.96 16.42
CA GLN C 277 -12.91 -20.40 17.71
C GLN C 277 -11.65 -19.53 17.59
N GLU C 278 -10.63 -20.06 16.93
CA GLU C 278 -9.37 -19.34 16.77
C GLU C 278 -9.57 -18.03 16.02
N VAL C 279 -10.39 -18.07 14.97
CA VAL C 279 -10.64 -16.84 14.22
C VAL C 279 -11.46 -15.85 15.04
N CYS C 280 -12.47 -16.35 15.77
CA CYS C 280 -13.26 -15.47 16.60
C CYS C 280 -12.42 -14.82 17.71
N ASN C 281 -11.56 -15.59 18.35
CA ASN C 281 -10.65 -15.04 19.33
C ASN C 281 -9.84 -13.88 18.76
N TYR C 282 -9.33 -14.06 17.54
CA TYR C 282 -8.57 -13.03 16.86
C TYR C 282 -9.42 -11.80 16.60
N ILE C 283 -10.60 -12.00 16.03
CA ILE C 283 -11.52 -10.90 15.76
C ILE C 283 -11.82 -10.06 17.01
N ARG C 284 -12.09 -10.73 18.13
CA ARG C 284 -12.39 -10.04 19.37
C ARG C 284 -11.25 -9.13 19.84
N ASP C 285 -10.02 -9.49 19.51
CA ASP C 285 -8.88 -8.63 19.83
C ASP C 285 -8.87 -7.40 18.95
N ILE C 286 -9.46 -7.50 17.77
CA ILE C 286 -9.53 -6.39 16.83
C ILE C 286 -10.78 -5.54 16.99
N ASP C 287 -11.92 -6.19 17.24
CA ASP C 287 -13.23 -5.55 17.48
C ASP C 287 -14.33 -6.03 16.53
N MET D 3 -4.90 20.62 36.86
CA MET D 3 -4.06 19.99 35.84
C MET D 3 -4.93 19.51 34.69
N LYS D 4 -4.32 19.30 33.53
CA LYS D 4 -5.00 18.71 32.38
C LYS D 4 -4.15 17.59 31.83
N ILE D 5 -4.76 16.42 31.63
CA ILE D 5 -4.09 15.29 30.99
C ILE D 5 -4.55 15.15 29.53
N ILE D 6 -3.64 15.41 28.61
CA ILE D 6 -3.94 15.22 27.19
C ILE D 6 -3.54 13.82 26.77
N ALA D 7 -4.45 13.13 26.11
CA ALA D 7 -4.20 11.78 25.65
C ALA D 7 -4.08 11.75 24.13
N LEU D 8 -2.86 11.56 23.64
CA LEU D 8 -2.63 11.40 22.21
C LEU D 8 -3.03 9.99 21.78
N ARG D 9 -3.16 9.78 20.47
CA ARG D 9 -3.79 8.56 19.95
C ARG D 9 -3.10 7.26 20.41
N SER D 10 -1.80 7.31 20.65
CA SER D 10 -1.05 6.12 20.98
C SER D 10 -1.21 5.69 22.43
N SER D 11 -1.75 6.56 23.28
CA SER D 11 -1.68 6.33 24.71
C SER D 11 -3.02 6.42 25.44
N LEU D 12 -4.12 6.13 24.75
CA LEU D 12 -5.44 6.30 25.33
C LEU D 12 -5.62 5.43 26.59
N LYS D 13 -5.20 4.17 26.52
CA LYS D 13 -5.34 3.27 27.65
C LYS D 13 -4.62 3.76 28.89
N LEU D 14 -3.33 4.08 28.77
CA LEU D 14 -2.54 4.52 29.91
C LEU D 14 -2.97 5.91 30.39
N ALA D 15 -3.29 6.80 29.47
CA ALA D 15 -3.69 8.15 29.84
C ALA D 15 -4.97 8.12 30.69
N ALA D 16 -5.89 7.25 30.29
CA ALA D 16 -7.16 7.12 30.98
C ALA D 16 -6.94 6.62 32.40
N ARG D 17 -6.03 5.66 32.56
CA ARG D 17 -5.71 5.13 33.89
C ARG D 17 -5.05 6.20 34.75
N ILE D 18 -4.16 6.98 34.15
CA ILE D 18 -3.56 8.10 34.86
C ILE D 18 -4.59 9.14 35.27
N ALA D 19 -5.47 9.51 34.34
CA ALA D 19 -6.48 10.55 34.61
C ALA D 19 -7.41 10.09 35.73
N GLU D 20 -7.80 8.83 35.69
CA GLU D 20 -8.68 8.25 36.71
C GLU D 20 -8.05 8.30 38.09
N GLU D 21 -6.78 7.91 38.19
CA GLU D 21 -6.05 7.97 39.44
C GLU D 21 -5.86 9.40 39.95
N LEU D 22 -5.74 10.35 39.03
CA LEU D 22 -5.50 11.74 39.39
C LEU D 22 -6.78 12.56 39.53
N LYS D 23 -7.93 11.92 39.32
CA LYS D 23 -9.23 12.56 39.48
C LYS D 23 -9.48 13.68 38.48
N THR D 24 -9.23 13.39 37.21
CA THR D 24 -9.46 14.37 36.16
C THR D 24 -9.95 13.67 34.91
N GLU D 25 -10.63 14.38 34.03
CA GLU D 25 -11.11 13.77 32.80
C GLU D 25 -10.10 14.10 31.70
N PRO D 26 -9.64 13.08 30.99
CA PRO D 26 -8.64 13.25 29.93
C PRO D 26 -9.15 14.13 28.79
N VAL D 27 -8.23 14.85 28.15
CA VAL D 27 -8.55 15.71 27.01
C VAL D 27 -8.03 15.03 25.76
N MET D 28 -8.86 14.88 24.73
CA MET D 28 -8.41 14.34 23.46
C MET D 28 -8.64 15.35 22.36
N PRO D 29 -7.63 15.55 21.51
CA PRO D 29 -7.83 16.52 20.43
C PRO D 29 -8.79 15.98 19.38
N ASP D 30 -9.54 16.86 18.74
CA ASP D 30 -10.22 16.50 17.51
C ASP D 30 -9.10 16.37 16.49
N GLU D 31 -9.15 15.34 15.66
CA GLU D 31 -8.03 15.04 14.78
C GLU D 31 -8.48 14.43 13.45
N ARG D 32 -7.87 14.87 12.36
CA ARG D 32 -8.19 14.31 11.05
C ARG D 32 -7.02 14.51 10.12
N ARG D 33 -7.07 13.85 8.96
CA ARG D 33 -6.10 14.09 7.90
C ARG D 33 -6.75 14.93 6.83
N PHE D 34 -6.08 16.00 6.42
CA PHE D 34 -6.48 16.75 5.24
C PHE D 34 -6.33 15.82 4.04
N PRO D 35 -7.00 16.15 2.92
CA PRO D 35 -6.95 15.26 1.75
C PRO D 35 -5.52 14.94 1.29
N ASP D 36 -4.60 15.87 1.52
CA ASP D 36 -3.23 15.72 1.04
C ASP D 36 -2.34 14.98 2.05
N GLY D 37 -2.95 14.45 3.10
CA GLY D 37 -2.21 13.70 4.11
C GLY D 37 -1.63 14.50 5.25
N GLU D 38 -1.80 15.82 5.23
CA GLU D 38 -1.32 16.63 6.36
C GLU D 38 -2.22 16.43 7.59
N LEU D 39 -1.62 16.53 8.77
CA LEU D 39 -2.33 16.29 10.02
C LEU D 39 -3.04 17.53 10.54
N TYR D 40 -4.30 17.38 10.91
CA TYR D 40 -5.06 18.44 11.56
C TYR D 40 -5.36 18.00 12.98
N LEU D 41 -5.21 18.90 13.95
CA LEU D 41 -5.76 18.61 15.28
C LEU D 41 -6.26 19.88 15.96
N ARG D 42 -7.05 19.73 17.01
CA ARG D 42 -7.64 20.89 17.65
C ARG D 42 -8.04 20.58 19.07
N TYR D 43 -7.66 21.45 19.99
CA TYR D 43 -8.04 21.33 21.38
C TYR D 43 -9.15 22.31 21.73
N ASP D 44 -10.37 21.77 21.88
CA ASP D 44 -11.55 22.57 22.22
C ASP D 44 -11.62 22.96 23.70
N GLU D 45 -11.07 22.11 24.56
CA GLU D 45 -11.04 22.39 25.99
C GLU D 45 -10.16 23.60 26.27
N ASP D 46 -10.59 24.44 27.19
CA ASP D 46 -9.79 25.60 27.57
C ASP D 46 -8.68 25.20 28.55
N LEU D 47 -7.43 25.30 28.12
CA LEU D 47 -6.31 24.84 28.94
C LEU D 47 -5.71 25.95 29.79
N THR D 48 -6.29 27.14 29.68
CA THR D 48 -5.82 28.31 30.42
C THR D 48 -5.60 28.03 31.91
N GLY D 49 -4.41 28.37 32.41
CA GLY D 49 -4.12 28.31 33.83
C GLY D 49 -3.85 26.93 34.40
N HIS D 50 -3.83 25.92 33.53
CA HIS D 50 -3.60 24.56 34.02
C HIS D 50 -2.19 24.07 33.77
N ASN D 51 -1.71 23.16 34.61
CA ASN D 51 -0.49 22.41 34.32
C ASN D 51 -0.87 21.33 33.33
N ILE D 52 -0.24 21.33 32.16
CA ILE D 52 -0.64 20.41 31.11
C ILE D 52 0.30 19.22 31.06
N PHE D 53 -0.28 18.02 30.99
CA PHE D 53 0.53 16.81 30.82
C PHE D 53 0.12 16.09 29.55
N ILE D 54 1.01 16.09 28.57
CA ILE D 54 0.73 15.46 27.29
C ILE D 54 1.22 14.02 27.30
N ILE D 55 0.33 13.07 27.13
CA ILE D 55 0.74 11.67 27.12
C ILE D 55 0.65 11.07 25.72
N GLY D 56 1.80 10.73 25.16
CA GLY D 56 1.86 10.15 23.83
C GLY D 56 3.24 9.58 23.53
N ASN D 57 3.29 8.44 22.86
CA ASN D 57 4.54 7.85 22.41
C ASN D 57 5.14 8.68 21.28
N THR D 58 6.42 8.47 20.98
CA THR D 58 7.10 9.29 19.97
C THR D 58 7.93 8.46 18.99
N HIS D 59 7.42 7.30 18.57
CA HIS D 59 8.20 6.44 17.68
C HIS D 59 7.75 6.43 16.22
N SER D 60 6.45 6.41 15.94
CA SER D 60 6.00 6.41 14.56
C SER D 60 5.99 7.82 14.00
N ASP D 61 6.04 7.94 12.67
CA ASP D 61 5.98 9.26 12.04
C ASP D 61 4.75 10.02 12.53
N ALA D 62 3.60 9.34 12.58
CA ALA D 62 2.35 9.99 12.99
C ALA D 62 2.36 10.44 14.45
N GLU D 63 2.99 9.63 15.31
CA GLU D 63 3.11 9.98 16.72
C GLU D 63 3.94 11.25 16.89
N VAL D 64 5.03 11.36 16.12
CA VAL D 64 5.89 12.53 16.17
C VAL D 64 5.11 13.76 15.72
N MET D 65 4.42 13.65 14.57
CA MET D 65 3.61 14.76 14.08
C MET D 65 2.53 15.17 15.09
N GLU D 66 1.86 14.20 15.71
CA GLU D 66 0.82 14.54 16.68
CA GLU D 66 0.82 14.52 16.71
C GLU D 66 1.43 15.28 17.88
N MET D 67 2.60 14.85 18.32
CA MET D 67 3.27 15.52 19.42
C MET D 67 3.67 16.96 19.04
N ILE D 68 4.35 17.10 17.90
CA ILE D 68 4.79 18.41 17.46
C ILE D 68 3.62 19.37 17.27
N LEU D 69 2.60 18.93 16.55
CA LEU D 69 1.47 19.82 16.33
C LEU D 69 0.74 20.13 17.64
N THR D 70 0.68 19.17 18.56
CA THR D 70 0.08 19.45 19.86
C THR D 70 0.84 20.56 20.57
N LEU D 71 2.17 20.52 20.48
CA LEU D 71 3.02 21.50 21.13
C LEU D 71 2.82 22.91 20.57
N SER D 72 2.31 22.99 19.35
CA SER D 72 1.93 24.28 18.79
C SER D 72 0.50 24.66 19.18
N ALA D 73 -0.42 23.70 19.06
CA ALA D 73 -1.82 23.97 19.36
C ALA D 73 -2.03 24.56 20.75
N ILE D 74 -1.32 24.03 21.74
CA ILE D 74 -1.57 24.44 23.11
C ILE D 74 -1.01 25.82 23.44
N GLN D 75 -0.23 26.38 22.52
CA GLN D 75 0.25 27.74 22.69
C GLN D 75 -0.88 28.74 22.58
N ASP D 76 -2.02 28.28 22.06
CA ASP D 76 -3.20 29.16 21.94
C ASP D 76 -3.76 29.50 23.32
N TYR D 77 -3.36 28.75 24.34
CA TYR D 77 -3.88 28.96 25.70
C TYR D 77 -2.74 29.36 26.63
N ARG D 78 -3.00 30.29 27.54
CA ARG D 78 -1.99 30.67 28.51
C ARG D 78 -1.95 29.66 29.66
N THR D 79 -1.16 28.61 29.46
CA THR D 79 -1.06 27.53 30.41
C THR D 79 -0.06 27.86 31.52
N LYS D 80 -0.14 27.12 32.62
CA LYS D 80 0.78 27.30 33.73
C LYS D 80 2.10 26.60 33.46
N SER D 81 2.02 25.43 32.82
CA SER D 81 3.22 24.71 32.39
C SER D 81 2.84 23.67 31.36
N VAL D 82 3.83 23.21 30.59
CA VAL D 82 3.65 22.17 29.60
C VAL D 82 4.65 21.05 29.85
N ASN D 83 4.12 19.86 30.08
CA ASN D 83 4.95 18.73 30.49
C ASN D 83 4.72 17.52 29.61
N ILE D 84 5.76 17.05 28.95
CA ILE D 84 5.59 15.93 28.06
C ILE D 84 5.87 14.63 28.79
N ILE D 85 4.95 13.68 28.65
CA ILE D 85 5.21 12.34 29.11
C ILE D 85 5.05 11.38 27.93
N ALA D 86 6.17 10.87 27.44
CA ALA D 86 6.15 9.93 26.34
C ALA D 86 6.49 8.56 26.89
N PRO D 87 5.46 7.77 27.20
CA PRO D 87 5.67 6.49 27.89
C PRO D 87 6.72 5.63 27.20
N TYR D 88 6.60 5.46 25.89
CA TYR D 88 7.67 4.86 25.08
C TYR D 88 8.31 5.94 24.23
N TYR D 89 9.61 6.17 24.46
CA TYR D 89 10.32 7.24 23.77
C TYR D 89 10.92 6.75 22.47
N GLY D 90 10.44 7.27 21.34
CA GLY D 90 10.93 6.81 20.07
C GLY D 90 12.37 7.25 19.83
N TYR D 91 13.07 6.51 18.98
CA TYR D 91 14.44 6.85 18.57
C TYR D 91 15.51 6.74 19.64
N ALA D 92 15.12 6.19 20.80
CA ALA D 92 16.07 6.00 21.88
C ALA D 92 17.16 4.96 21.54
N ARG D 93 16.93 4.17 20.49
CA ARG D 93 17.93 3.19 20.04
C ARG D 93 18.96 3.84 19.12
N GLN D 94 18.68 5.06 18.67
CA GLN D 94 19.66 5.83 17.88
C GLN D 94 20.12 7.04 18.67
N HIS D 95 20.88 6.79 19.73
CA HIS D 95 21.24 7.82 20.69
C HIS D 95 22.68 8.29 20.53
N GLN D 96 23.31 7.83 19.45
CA GLN D 96 24.69 8.18 19.12
C GLN D 96 24.91 7.80 17.66
N ARG D 97 26.04 8.23 17.09
CA ARG D 97 26.34 7.86 15.70
C ARG D 97 27.21 6.59 15.66
N TYR D 98 26.63 5.51 15.15
CA TYR D 98 27.34 4.24 15.03
C TYR D 98 28.26 4.19 13.82
N LYS D 99 28.00 5.09 12.88
CA LYS D 99 28.81 5.24 11.69
C LYS D 99 28.83 6.70 11.33
N ASN D 100 29.83 7.13 10.56
CA ASN D 100 29.88 8.50 10.06
C ASN D 100 28.65 8.86 9.25
N GLY D 101 28.09 10.03 9.52
CA GLY D 101 26.99 10.55 8.72
C GLY D 101 25.60 10.04 9.11
N GLU D 102 25.50 9.34 10.24
CA GLU D 102 24.20 8.96 10.77
C GLU D 102 23.64 10.12 11.60
N PRO D 103 22.31 10.16 11.74
CA PRO D 103 21.68 11.10 12.68
C PRO D 103 21.88 10.61 14.10
N ILE D 104 21.94 11.53 15.06
CA ILE D 104 21.64 11.17 16.44
C ILE D 104 20.16 11.51 16.62
N SER D 105 19.32 10.57 16.24
CA SER D 105 17.90 10.84 16.10
C SER D 105 17.30 11.30 17.42
N SER D 106 17.68 10.64 18.51
CA SER D 106 17.13 10.98 19.81
C SER D 106 17.59 12.37 20.26
N GLN D 107 18.71 12.84 19.73
CA GLN D 107 19.21 14.16 20.12
C GLN D 107 18.39 15.28 19.50
N ILE D 108 18.27 15.28 18.18
CA ILE D 108 17.51 16.35 17.54
C ILE D 108 16.04 16.33 17.99
N LEU D 109 15.46 15.15 18.12
CA LEU D 109 14.05 15.07 18.51
C LEU D 109 13.84 15.56 19.94
N THR D 110 14.77 15.22 20.83
CA THR D 110 14.72 15.71 22.21
C THR D 110 14.91 17.23 22.30
N GLU D 111 15.82 17.76 21.48
CA GLU D 111 16.01 19.19 21.40
C GLU D 111 14.73 19.90 20.95
N ILE D 112 14.01 19.28 20.04
CA ILE D 112 12.76 19.88 19.56
C ILE D 112 11.73 19.87 20.68
N TYR D 113 11.49 18.69 21.27
CA TYR D 113 10.46 18.58 22.29
C TYR D 113 10.75 19.52 23.46
N SER D 114 12.02 19.62 23.84
CA SER D 114 12.38 20.42 25.03
C SER D 114 12.45 21.93 24.74
N SER D 115 12.23 22.31 23.48
CA SER D 115 12.12 23.72 23.13
C SER D 115 10.70 24.26 23.35
N TYR D 116 9.74 23.35 23.54
CA TYR D 116 8.33 23.73 23.61
C TYR D 116 7.64 23.23 24.87
N SER D 117 8.42 22.82 25.85
CA SER D 117 7.90 22.24 27.09
C SER D 117 8.77 22.64 28.27
N ASN D 118 8.25 22.46 29.48
CA ASN D 118 8.98 22.74 30.71
C ASN D 118 9.62 21.50 31.30
N SER D 119 9.17 20.32 30.87
CA SER D 119 9.70 19.06 31.38
C SER D 119 9.33 17.94 30.43
N ILE D 120 10.16 16.92 30.43
CA ILE D 120 9.90 15.70 29.69
C ILE D 120 10.14 14.52 30.63
N ALA D 121 9.39 13.44 30.41
CA ALA D 121 9.60 12.20 31.14
C ALA D 121 9.28 11.03 30.23
N THR D 122 9.90 9.88 30.49
CA THR D 122 9.56 8.67 29.76
C THR D 122 9.70 7.50 30.71
N VAL D 123 9.27 6.32 30.28
CA VAL D 123 9.43 5.12 31.10
C VAL D 123 10.53 4.23 30.52
N ASP D 124 11.57 4.00 31.31
CA ASP D 124 12.65 3.08 30.95
C ASP D 124 13.25 3.38 29.58
N ILE D 125 13.90 4.52 29.48
CA ILE D 125 14.49 4.94 28.21
C ILE D 125 15.58 3.93 27.85
N HIS D 126 15.76 3.66 26.55
CA HIS D 126 16.68 2.60 26.12
C HIS D 126 18.12 2.82 26.56
N ASP D 127 18.56 4.07 26.54
CA ASP D 127 19.90 4.42 27.00
C ASP D 127 19.86 5.84 27.54
N GLU D 128 20.41 6.02 28.74
CA GLU D 128 20.28 7.26 29.49
C GLU D 128 20.94 8.45 28.83
N LYS D 129 21.85 8.18 27.90
CA LYS D 129 22.53 9.23 27.16
C LYS D 129 21.55 10.28 26.67
N THR D 130 20.39 9.82 26.22
CA THR D 130 19.41 10.71 25.58
C THR D 130 18.88 11.78 26.53
N LEU D 131 18.84 11.47 27.82
CA LEU D 131 18.37 12.42 28.81
C LEU D 131 19.20 13.71 28.78
N SER D 132 20.48 13.57 28.41
CA SER D 132 21.40 14.69 28.46
C SER D 132 21.20 15.66 27.29
N TYR D 133 20.40 15.25 26.32
CA TYR D 133 20.15 16.07 25.12
C TYR D 133 19.09 17.13 25.35
N SER D 134 18.39 17.02 26.47
CA SER D 134 17.23 17.88 26.73
C SER D 134 17.60 19.24 27.31
N LYS D 135 16.91 20.26 26.84
CA LYS D 135 17.09 21.61 27.33
C LYS D 135 16.39 21.78 28.68
N VAL D 136 15.52 20.85 29.01
CA VAL D 136 14.78 20.86 30.28
C VAL D 136 14.92 19.52 30.98
N LYS D 137 14.53 19.45 32.25
CA LYS D 137 14.66 18.21 33.01
C LYS D 137 13.94 17.06 32.31
N PHE D 138 14.68 16.03 31.95
CA PHE D 138 14.15 14.84 31.30
C PHE D 138 14.27 13.66 32.27
N SER D 139 13.15 13.27 32.86
CA SER D 139 13.14 12.23 33.88
C SER D 139 12.89 10.85 33.29
N ASP D 140 13.56 9.86 33.83
CA ASP D 140 13.45 8.50 33.37
C ASP D 140 12.71 7.70 34.44
N LEU D 141 11.46 7.35 34.19
CA LEU D 141 10.69 6.59 35.17
C LEU D 141 10.89 5.10 34.98
N HIS D 142 10.52 4.30 35.97
CA HIS D 142 10.85 2.89 35.93
C HIS D 142 9.71 1.96 36.28
N ALA D 143 9.56 0.90 35.48
CA ALA D 143 8.49 -0.07 35.64
C ALA D 143 8.86 -1.18 36.65
N ASN D 144 10.05 -1.10 37.22
CA ASN D 144 10.57 -2.16 38.10
C ASN D 144 9.54 -2.62 39.12
N ASP D 145 9.12 -1.70 39.98
CA ASP D 145 8.17 -2.03 41.05
C ASP D 145 6.87 -2.60 40.52
N ALA D 146 6.44 -2.18 39.33
CA ALA D 146 5.21 -2.70 38.74
C ALA D 146 5.40 -4.14 38.26
N ILE D 147 6.56 -4.42 37.68
CA ILE D 147 6.89 -5.77 37.25
C ILE D 147 7.05 -6.67 38.48
N VAL D 148 7.70 -6.15 39.52
CA VAL D 148 7.84 -6.91 40.75
C VAL D 148 6.47 -7.28 41.32
N ARG D 149 5.58 -6.29 41.45
CA ARG D 149 4.24 -6.56 41.96
C ARG D 149 3.54 -7.64 41.16
N TYR D 150 3.73 -7.64 39.84
CA TYR D 150 3.05 -8.60 38.98
C TYR D 150 3.55 -10.03 39.20
N TYR D 151 4.84 -10.18 39.49
CA TYR D 151 5.44 -11.52 39.67
C TYR D 151 5.69 -11.89 41.13
N LYS D 152 5.18 -11.07 42.06
CA LYS D 152 5.46 -11.23 43.48
C LYS D 152 5.20 -12.66 43.98
N ASN D 153 4.05 -13.22 43.61
CA ASN D 153 3.69 -14.57 44.02
C ASN D 153 3.82 -15.59 42.90
N VAL D 154 4.80 -15.37 42.01
CA VAL D 154 5.05 -16.31 40.91
C VAL D 154 6.27 -17.17 41.22
N ASP D 155 6.18 -18.45 40.85
CA ASP D 155 7.28 -19.38 41.04
C ASP D 155 8.27 -19.21 39.90
N VAL D 156 9.44 -18.64 40.19
CA VAL D 156 10.39 -18.37 39.12
C VAL D 156 11.72 -19.14 39.22
N ASP D 157 12.66 -18.65 40.03
CA ASP D 157 14.02 -19.22 40.17
C ASP D 157 15.08 -18.19 39.80
N TYR D 158 15.08 -17.79 38.53
CA TYR D 158 16.02 -16.80 38.03
C TYR D 158 15.29 -15.71 37.26
N VAL D 159 15.73 -14.48 37.46
CA VAL D 159 15.37 -13.39 36.56
C VAL D 159 16.57 -13.19 35.62
N VAL D 160 16.29 -13.09 34.33
CA VAL D 160 17.34 -13.07 33.33
C VAL D 160 17.23 -11.85 32.40
N SER D 161 18.34 -11.15 32.21
CA SER D 161 18.43 -10.13 31.17
C SER D 161 19.07 -10.72 29.91
N PRO D 162 18.47 -10.46 28.74
CA PRO D 162 19.01 -11.02 27.50
C PRO D 162 20.24 -10.25 27.01
N ASP D 163 20.59 -9.17 27.70
CA ASP D 163 21.77 -8.38 27.33
C ASP D 163 22.41 -7.67 28.53
N ASP D 164 23.54 -7.02 28.30
CA ASP D 164 24.21 -6.30 29.37
C ASP D 164 23.40 -5.10 29.83
N GLY D 165 22.75 -4.42 28.89
CA GLY D 165 22.03 -3.20 29.20
C GLY D 165 20.93 -3.41 30.23
N GLY D 166 20.32 -4.58 30.21
CA GLY D 166 19.19 -4.87 31.07
C GLY D 166 19.57 -5.46 32.42
N LEU D 167 20.87 -5.62 32.65
CA LEU D 167 21.34 -6.22 33.90
C LEU D 167 20.84 -5.47 35.13
N ALA D 168 21.11 -4.17 35.19
CA ALA D 168 20.74 -3.38 36.37
C ALA D 168 19.25 -3.53 36.71
N ARG D 169 18.41 -3.58 35.69
CA ARG D 169 16.96 -3.75 35.87
C ARG D 169 16.65 -5.10 36.49
N VAL D 170 17.22 -6.16 35.93
CA VAL D 170 16.96 -7.51 36.47
C VAL D 170 17.62 -7.70 37.83
N ALA D 171 18.75 -7.02 38.05
CA ALA D 171 19.39 -7.07 39.37
C ALA D 171 18.46 -6.48 40.43
N ASP D 172 17.89 -5.32 40.12
CA ASP D 172 16.94 -4.68 41.03
C ASP D 172 15.65 -5.47 41.18
N ILE D 173 15.09 -5.94 40.08
CA ILE D 173 13.86 -6.72 40.13
C ILE D 173 14.06 -8.04 40.88
N SER D 174 15.14 -8.76 40.57
CA SER D 174 15.42 -10.03 41.24
C SER D 174 15.64 -9.82 42.74
N ALA D 175 16.41 -8.79 43.09
CA ALA D 175 16.62 -8.44 44.48
C ALA D 175 15.29 -8.29 45.21
N LYS D 176 14.36 -7.59 44.56
CA LYS D 176 13.05 -7.32 45.15
C LYS D 176 12.15 -8.55 45.20
N LEU D 177 12.44 -9.57 44.38
CA LEU D 177 11.65 -10.80 44.40
C LEU D 177 12.33 -11.86 45.26
N GLY D 178 13.50 -11.53 45.81
CA GLY D 178 14.27 -12.45 46.63
C GLY D 178 14.97 -13.52 45.83
N LYS D 179 15.18 -13.26 44.55
CA LYS D 179 15.74 -14.27 43.64
C LYS D 179 17.13 -13.91 43.15
N LYS D 180 17.79 -14.90 42.56
CA LYS D 180 19.07 -14.68 41.89
C LYS D 180 18.82 -14.23 40.45
N HIS D 181 19.85 -13.69 39.82
CA HIS D 181 19.75 -13.24 38.43
C HIS D 181 21.04 -13.52 37.69
N PHE D 182 21.00 -13.35 36.37
CA PHE D 182 22.20 -13.30 35.55
C PHE D 182 21.83 -12.66 34.24
N PHE D 183 22.82 -12.35 33.42
CA PHE D 183 22.56 -11.73 32.13
C PHE D 183 23.22 -12.52 31.00
N ILE D 184 22.69 -12.36 29.80
CA ILE D 184 23.24 -13.01 28.63
C ILE D 184 23.98 -11.94 27.86
N GLU D 185 25.14 -12.30 27.30
CA GLU D 185 25.88 -11.37 26.48
C GLU D 185 25.33 -11.38 25.06
N LYS D 186 24.94 -10.20 24.56
CA LYS D 186 24.33 -10.10 23.25
C LYS D 186 25.16 -9.25 22.31
N LYS D 187 25.13 -9.63 21.02
CA LYS D 187 25.69 -8.80 19.97
C LYS D 187 24.68 -8.75 18.84
N ARG D 188 24.21 -7.56 18.49
CA ARG D 188 23.30 -7.42 17.37
C ARG D 188 24.04 -7.49 16.05
N ILE D 189 23.49 -8.25 15.11
CA ILE D 189 24.09 -8.42 13.80
C ILE D 189 23.39 -7.52 12.78
N ASP D 190 22.06 -7.52 12.82
CA ASP D 190 21.29 -6.57 12.01
C ASP D 190 19.95 -6.31 12.66
N ASP D 191 19.02 -5.72 11.91
CA ASP D 191 17.73 -5.34 12.45
C ASP D 191 16.90 -6.49 13.05
N ARG D 192 17.13 -7.69 12.53
CA ARG D 192 16.32 -8.84 12.92
C ARG D 192 17.13 -9.99 13.51
N THR D 193 18.44 -9.79 13.66
CA THR D 193 19.35 -10.88 14.04
C THR D 193 20.27 -10.50 15.20
N VAL D 194 20.37 -11.38 16.20
CA VAL D 194 21.32 -11.17 17.29
C VAL D 194 22.11 -12.45 17.58
N GLU D 195 23.27 -12.30 18.20
CA GLU D 195 24.06 -13.45 18.65
C GLU D 195 24.21 -13.37 20.15
N MET D 196 24.21 -14.52 20.81
CA MET D 196 24.25 -14.55 22.26
C MET D 196 25.22 -15.58 22.83
N LYS D 197 25.75 -15.26 24.00
CA LYS D 197 26.52 -16.21 24.78
C LYS D 197 25.91 -16.28 26.18
N VAL D 198 25.25 -17.41 26.48
CA VAL D 198 24.61 -17.61 27.77
C VAL D 198 25.68 -18.06 28.77
N PRO D 199 25.71 -17.44 29.95
CA PRO D 199 26.75 -17.82 30.91
C PRO D 199 26.53 -19.24 31.47
N ASN D 200 27.55 -19.74 32.16
CA ASN D 200 27.52 -21.11 32.68
C ASN D 200 26.65 -21.26 33.93
N VAL D 201 25.34 -21.21 33.74
CA VAL D 201 24.40 -21.37 34.84
C VAL D 201 23.49 -22.55 34.56
N ASP D 202 23.22 -23.35 35.59
CA ASP D 202 22.31 -24.48 35.46
C ASP D 202 20.86 -24.03 35.51
N VAL D 203 20.14 -24.19 34.39
CA VAL D 203 18.74 -23.83 34.34
C VAL D 203 17.87 -25.06 34.07
N ASN D 204 18.50 -26.22 34.01
CA ASN D 204 17.78 -27.47 33.76
C ASN D 204 16.63 -27.66 34.76
N GLY D 205 15.40 -27.69 34.25
CA GLY D 205 14.23 -27.85 35.08
C GLY D 205 13.85 -26.60 35.86
N LYS D 206 14.54 -25.49 35.56
CA LYS D 206 14.28 -24.23 36.25
C LYS D 206 13.26 -23.38 35.49
N LYS D 207 12.52 -22.57 36.23
CA LYS D 207 11.59 -21.62 35.65
C LYS D 207 12.24 -20.25 35.58
N LEU D 208 12.03 -19.55 34.47
CA LEU D 208 12.78 -18.34 34.23
C LEU D 208 11.89 -17.19 33.80
N LEU D 209 12.24 -16.01 34.26
CA LEU D 209 11.58 -14.78 33.84
C LEU D 209 12.61 -13.94 33.12
N ILE D 210 12.39 -13.73 31.82
CA ILE D 210 13.27 -12.88 31.03
C ILE D 210 12.65 -11.49 30.98
N VAL D 211 13.45 -10.48 31.32
CA VAL D 211 13.01 -9.08 31.26
C VAL D 211 13.92 -8.23 30.37
N ASP D 212 13.33 -7.53 29.41
CA ASP D 212 14.07 -6.62 28.55
C ASP D 212 13.31 -5.28 28.49
N ASP D 213 13.91 -4.27 27.87
CA ASP D 213 13.20 -3.01 27.77
C ASP D 213 12.18 -2.99 26.63
N ILE D 214 12.62 -3.46 25.45
CA ILE D 214 11.81 -3.40 24.25
C ILE D 214 11.68 -4.74 23.55
N ILE D 215 10.48 -5.05 23.07
CA ILE D 215 10.30 -6.13 22.11
C ILE D 215 9.83 -5.54 20.79
N SER D 216 10.61 -5.72 19.74
CA SER D 216 10.25 -5.21 18.43
C SER D 216 9.98 -6.38 17.49
N THR D 217 11.04 -6.94 16.91
CA THR D 217 10.90 -8.12 16.06
C THR D 217 10.73 -9.39 16.89
N GLY D 218 11.17 -9.35 18.14
CA GLY D 218 11.17 -10.54 18.99
C GLY D 218 12.45 -11.35 18.83
N GLY D 219 13.36 -10.89 17.99
CA GLY D 219 14.60 -11.62 17.74
C GLY D 219 15.40 -11.84 19.00
N THR D 220 15.43 -10.84 19.87
CA THR D 220 16.21 -10.92 21.09
C THR D 220 15.58 -11.90 22.09
N ILE D 221 14.27 -11.82 22.26
CA ILE D 221 13.59 -12.80 23.11
C ILE D 221 13.65 -14.22 22.53
N ALA D 222 13.40 -14.35 21.23
CA ALA D 222 13.42 -15.64 20.57
C ALA D 222 14.77 -16.34 20.73
N LYS D 223 15.84 -15.59 20.52
CA LYS D 223 17.19 -16.14 20.64
C LYS D 223 17.46 -16.61 22.06
N SER D 224 17.24 -15.72 23.03
CA SER D 224 17.50 -16.02 24.44
C SER D 224 16.63 -17.17 24.95
N SER D 225 15.35 -17.12 24.61
CA SER D 225 14.41 -18.17 24.97
C SER D 225 14.82 -19.52 24.39
N GLY D 226 15.22 -19.52 23.12
CA GLY D 226 15.63 -20.75 22.46
C GLY D 226 16.86 -21.39 23.10
N LEU D 227 17.85 -20.57 23.42
CA LEU D 227 19.07 -21.05 24.07
C LEU D 227 18.81 -21.56 25.48
N LEU D 228 17.95 -20.88 26.22
CA LEU D 228 17.64 -21.27 27.59
C LEU D 228 16.79 -22.53 27.66
N ARG D 229 15.85 -22.66 26.73
CA ARG D 229 15.00 -23.84 26.61
C ARG D 229 15.84 -25.03 26.19
N GLU D 230 16.85 -24.75 25.38
CA GLU D 230 17.82 -25.75 24.95
C GLU D 230 18.64 -26.25 26.13
N LYS D 231 18.73 -25.43 27.17
CA LYS D 231 19.53 -25.76 28.35
C LYS D 231 18.67 -26.40 29.45
N GLY D 232 17.42 -26.71 29.13
CA GLY D 232 16.58 -27.48 30.03
C GLY D 232 15.55 -26.70 30.83
N ALA D 233 15.43 -25.40 30.59
CA ALA D 233 14.42 -24.59 31.28
C ALA D 233 13.03 -25.20 31.10
N SER D 234 12.22 -25.17 32.14
CA SER D 234 10.91 -25.82 32.10
C SER D 234 9.78 -24.85 31.77
N LYS D 235 9.84 -23.65 32.34
CA LYS D 235 8.86 -22.61 32.03
C LYS D 235 9.58 -21.29 31.82
N ILE D 236 9.20 -20.57 30.76
CA ILE D 236 9.83 -19.30 30.46
C ILE D 236 8.81 -18.18 30.36
N TYR D 237 8.89 -17.24 31.30
CA TYR D 237 8.07 -16.03 31.28
C TYR D 237 8.83 -14.94 30.53
N VAL D 238 8.14 -14.24 29.64
CA VAL D 238 8.75 -13.15 28.88
C VAL D 238 8.08 -11.83 29.22
N SER D 239 8.87 -10.88 29.72
CA SER D 239 8.35 -9.55 30.02
C SER D 239 9.23 -8.44 29.46
N ALA D 240 8.60 -7.35 29.04
CA ALA D 240 9.36 -6.19 28.61
C ALA D 240 8.52 -4.95 28.89
N VAL D 241 9.15 -3.79 28.98
CA VAL D 241 8.40 -2.58 29.21
C VAL D 241 7.56 -2.24 27.98
N HIS D 242 8.23 -2.15 26.83
CA HIS D 242 7.61 -1.66 25.61
C HIS D 242 7.43 -2.77 24.58
N GLY D 243 6.18 -3.22 24.39
CA GLY D 243 5.87 -4.27 23.45
C GLY D 243 5.38 -3.80 22.09
N LEU D 244 6.29 -3.69 21.13
CA LEU D 244 5.93 -3.22 19.79
C LEU D 244 5.37 -4.36 18.95
N PHE D 245 5.90 -5.57 19.12
CA PHE D 245 5.38 -6.77 18.44
C PHE D 245 5.11 -6.59 16.94
N VAL D 246 6.18 -6.41 16.17
CA VAL D 246 6.00 -6.27 14.73
C VAL D 246 5.70 -7.63 14.06
N ASN D 247 5.36 -7.61 12.77
CA ASN D 247 4.95 -8.86 12.11
C ASN D 247 5.95 -9.98 12.34
N GLY D 248 5.43 -11.14 12.77
CA GLY D 248 6.25 -12.31 12.98
C GLY D 248 6.71 -12.53 14.42
N SER D 249 6.62 -11.49 15.24
CA SER D 249 7.22 -11.51 16.58
C SER D 249 6.53 -12.46 17.56
N GLU D 250 5.21 -12.54 17.50
CA GLU D 250 4.47 -13.42 18.39
C GLU D 250 4.83 -14.88 18.12
N ASN D 251 4.77 -15.28 16.86
CA ASN D 251 5.17 -16.62 16.44
C ASN D 251 6.57 -16.98 16.94
N LYS D 252 7.53 -16.09 16.69
CA LYS D 252 8.92 -16.31 17.07
C LYS D 252 9.11 -16.50 18.57
N ILE D 253 8.48 -15.63 19.36
CA ILE D 253 8.63 -15.67 20.81
C ILE D 253 7.95 -16.89 21.43
N LEU D 254 6.76 -17.20 20.96
CA LEU D 254 5.97 -18.27 21.57
C LEU D 254 6.47 -19.68 21.22
N GLN D 255 7.41 -19.76 20.28
CA GLN D 255 7.97 -21.04 19.88
C GLN D 255 8.89 -21.63 20.95
N ASN D 256 9.57 -20.78 21.69
CA ASN D 256 10.49 -21.24 22.74
C ASN D 256 10.16 -20.63 24.11
N ALA D 257 9.06 -19.89 24.18
CA ALA D 257 8.65 -19.29 25.45
C ALA D 257 7.16 -19.51 25.68
N ASP D 258 6.75 -19.37 26.93
CA ASP D 258 5.41 -19.79 27.34
C ASP D 258 4.43 -18.64 27.45
N GLU D 259 4.81 -17.58 28.15
CA GLU D 259 3.93 -16.43 28.39
C GLU D 259 4.62 -15.09 28.12
N ILE D 260 3.83 -14.14 27.62
CA ILE D 260 4.31 -12.78 27.40
C ILE D 260 3.47 -11.79 28.21
N HIS D 261 4.12 -10.98 29.04
CA HIS D 261 3.43 -9.91 29.77
C HIS D 261 4.22 -8.60 29.70
N VAL D 262 3.70 -7.62 28.96
CA VAL D 262 4.36 -6.32 28.85
C VAL D 262 3.54 -5.24 29.56
N THR D 263 4.02 -4.00 29.55
CA THR D 263 3.27 -2.91 30.21
C THR D 263 2.36 -2.20 29.23
N ASP D 264 1.67 -1.18 29.71
CA ASP D 264 0.79 -0.41 28.83
C ASP D 264 1.46 0.82 28.19
N THR D 265 2.78 0.94 28.29
CA THR D 265 3.46 2.04 27.59
C THR D 265 3.11 1.97 26.11
N VAL D 266 3.11 0.76 25.59
CA VAL D 266 2.58 0.52 24.25
C VAL D 266 1.46 -0.49 24.42
N GLU D 267 0.25 -0.14 23.97
CA GLU D 267 -0.89 -1.00 24.23
C GLU D 267 -1.02 -2.15 23.22
N SER D 268 -1.12 -3.37 23.75
CA SER D 268 -1.40 -4.54 22.91
C SER D 268 -2.15 -5.57 23.75
N LYS D 269 -2.51 -6.70 23.16
CA LYS D 269 -3.16 -7.75 23.92
C LYS D 269 -2.27 -8.31 25.03
N PHE D 270 -0.97 -7.98 24.99
CA PHE D 270 -0.07 -8.48 26.03
C PHE D 270 0.17 -7.47 27.17
N SER D 271 -0.53 -6.35 27.12
CA SER D 271 -0.35 -5.33 28.16
C SER D 271 -1.09 -5.69 29.45
N ASP D 272 -0.42 -6.44 30.32
CA ASP D 272 -1.01 -6.94 31.55
C ASP D 272 -0.48 -6.21 32.77
N ILE D 273 0.56 -5.39 32.57
CA ILE D 273 1.19 -4.70 33.69
C ILE D 273 1.11 -3.20 33.45
N SER D 274 0.39 -2.48 34.30
CA SER D 274 0.26 -1.04 34.09
C SER D 274 1.29 -0.25 34.86
N VAL D 275 1.81 0.81 34.23
CA VAL D 275 2.74 1.71 34.88
C VAL D 275 2.04 3.01 35.29
N TYR D 276 0.71 2.98 35.39
CA TYR D 276 0.00 4.20 35.72
C TYR D 276 0.46 4.81 37.06
N GLN D 277 0.77 3.96 38.04
CA GLN D 277 1.15 4.49 39.35
C GLN D 277 2.46 5.28 39.35
N GLU D 278 3.48 4.77 38.67
CA GLU D 278 4.76 5.46 38.62
C GLU D 278 4.63 6.81 37.93
N VAL D 279 3.81 6.86 36.89
CA VAL D 279 3.65 8.12 36.16
C VAL D 279 2.84 9.10 37.01
N CYS D 280 1.81 8.61 37.70
CA CYS D 280 1.07 9.50 38.58
C CYS D 280 1.97 10.03 39.70
N ASN D 281 2.82 9.17 40.25
CA ASN D 281 3.77 9.61 41.27
C ASN D 281 4.62 10.78 40.76
N TYR D 282 5.09 10.64 39.52
CA TYR D 282 5.88 11.69 38.88
C TYR D 282 5.05 12.96 38.71
N ILE D 283 3.83 12.81 38.23
CA ILE D 283 2.96 13.97 38.01
C ILE D 283 2.71 14.74 39.30
N ARG D 284 2.47 14.02 40.39
CA ARG D 284 2.20 14.67 41.66
C ARG D 284 3.37 15.50 42.17
N ASP D 285 4.59 15.13 41.81
CA ASP D 285 5.77 15.94 42.17
C ASP D 285 5.93 17.20 41.32
N ILE D 286 5.22 17.25 40.21
CA ILE D 286 5.21 18.45 39.37
C ILE D 286 3.97 19.28 39.65
N ASP D 287 2.89 18.59 40.01
CA ASP D 287 1.58 19.18 40.32
C ASP D 287 0.61 19.03 39.15
P PO4 E . -21.97 -5.54 -26.44
O1 PO4 E . -20.94 -4.62 -25.78
O2 PO4 E . -23.15 -4.68 -26.85
O3 PO4 E . -21.37 -6.10 -27.71
O4 PO4 E . -22.34 -6.64 -25.50
MG MG F . -19.85 3.52 -19.95
PB ADP G . -21.83 1.50 -22.40
O1B ADP G . -21.96 0.02 -22.53
O2B ADP G . -20.67 2.01 -21.58
O3B ADP G . -22.09 2.27 -23.66
PA ADP G . -23.15 2.26 -19.95
O1A ADP G . -24.57 2.61 -19.60
O2A ADP G . -22.05 3.27 -19.71
O3A ADP G . -23.15 1.85 -21.50
O5' ADP G . -22.85 0.87 -19.19
C5' ADP G . -22.71 0.89 -17.78
C4' ADP G . -23.18 -0.46 -17.26
O4' ADP G . -22.31 -1.47 -17.78
C3' ADP G . -23.05 -0.51 -15.74
O3' ADP G . -24.24 -1.10 -15.20
C2' ADP G . -21.87 -1.40 -15.49
O2' ADP G . -21.95 -2.14 -14.26
C1' ADP G . -21.95 -2.31 -16.70
N9 ADP G . -20.71 -3.06 -16.97
C8 ADP G . -19.54 -2.95 -16.32
N7 ADP G . -18.65 -3.83 -16.83
C5 ADP G . -19.26 -4.53 -17.81
C6 ADP G . -18.90 -5.61 -18.75
N6 ADP G . -17.66 -6.14 -18.76
N1 ADP G . -19.85 -6.04 -19.61
C2 ADP G . -21.08 -5.51 -19.63
N3 ADP G . -21.47 -4.53 -18.81
C4 ADP G . -20.62 -4.01 -17.89
P PO4 H . -7.65 22.02 -3.77
O1 PO4 H . -6.59 22.83 -3.05
O2 PO4 H . -8.84 22.93 -4.04
O3 PO4 H . -7.09 21.47 -5.07
O4 PO4 H . -8.02 20.87 -2.87
MG MG I . -5.37 30.14 2.74
PB ADP J . -7.30 28.57 0.52
O1B ADP J . -7.64 27.15 0.18
O2B ADP J . -6.09 28.74 1.40
O3B ADP J . -7.37 29.54 -0.61
PA ADP J . -8.45 29.36 3.04
O1A ADP J . -9.80 29.79 3.52
O2A ADP J . -7.28 30.29 3.29
O3A ADP J . -8.55 29.01 1.47
O5' ADP J . -8.19 27.94 3.77
C5' ADP J . -8.05 27.95 5.19
C4' ADP J . -8.54 26.61 5.68
O4' ADP J . -7.72 25.59 5.11
C3' ADP J . -8.44 26.49 7.20
O3' ADP J . -9.65 25.90 7.67
C2' ADP J . -7.29 25.53 7.40
O2' ADP J . -7.43 24.76 8.59
C1' ADP J . -7.40 24.68 6.14
N9 ADP J . -6.17 23.91 5.85
C8 ADP J . -4.99 23.95 6.48
N7 ADP J . -4.12 23.06 5.93
C5 ADP J . -4.77 22.44 4.92
C6 ADP J . -4.45 21.41 3.93
N6 ADP J . -3.23 20.83 3.88
N1 ADP J . -5.42 21.06 3.04
C2 ADP J . -6.64 21.62 3.07
N3 ADP J . -7.00 22.56 3.94
C4 ADP J . -6.12 23.00 4.88
PB ADP K . 7.26 -28.31 -0.02
O1B ADP K . 6.37 -29.21 -0.85
O2B ADP K . 6.91 -26.86 -0.12
O3B ADP K . 7.53 -28.86 1.36
PA ADP K . 9.56 -27.11 -1.22
O1A ADP K . 10.93 -27.60 -1.67
O2A ADP K . 9.50 -26.00 -0.19
O3A ADP K . 8.70 -28.40 -0.74
O5' ADP K . 8.80 -26.62 -2.55
C5' ADP K . 9.25 -25.44 -3.20
C4' ADP K . 8.77 -25.57 -4.63
O4' ADP K . 7.35 -25.52 -4.63
C3' ADP K . 9.27 -24.43 -5.49
O3' ADP K . 9.78 -25.02 -6.69
C2' ADP K . 8.02 -23.65 -5.84
O2' ADP K . 8.08 -23.14 -7.17
C1' ADP K . 6.96 -24.71 -5.74
N9 ADP K . 5.58 -24.19 -5.56
C8 ADP K . 5.22 -22.90 -5.36
N7 ADP K . 3.87 -22.82 -5.25
C5 ADP K . 3.37 -24.06 -5.39
C6 ADP K . 2.03 -24.69 -5.38
N6 ADP K . 0.93 -23.92 -5.21
N1 ADP K . 1.96 -26.03 -5.57
C2 ADP K . 3.07 -26.80 -5.74
N3 ADP K . 4.30 -26.29 -5.75
C4 ADP K . 4.51 -24.97 -5.58
P PO4 L . 1.03 -32.12 -2.05
O1 PO4 L . 1.41 -30.74 -1.53
O2 PO4 L . -0.22 -32.62 -1.37
O3 PO4 L . 0.78 -32.02 -3.52
O4 PO4 L . 2.18 -33.08 -1.78
MG MG M . 7.83 -25.26 0.48
C1 HSX N . 16.84 -3.27 21.83
O4 HSX N . 16.79 -4.35 20.87
C2 HSX N . 16.19 -3.72 23.14
O2 HSX N . 17.10 -3.43 24.21
C3 HSX N . 16.04 -5.23 22.99
O3 HSX N . 17.15 -5.93 23.58
C4 HSX N . 16.05 -5.43 21.47
C5 HSX N . 14.61 -5.43 20.99
O5 HSX N . 14.58 -5.51 19.55
P' HSX N . 14.11 -6.90 18.86
O1X HSX N . 13.86 -6.59 17.44
O2X HSX N . 12.81 -7.44 19.63
O3X HSX N . 15.33 -7.89 19.11
O1 HSX N . 18.21 -3.01 22.14
MG MG O . 21.46 -0.21 21.88
PB ADP P . 20.66 -3.40 21.05
O1B ADP P . 21.23 -3.94 22.34
O2B ADP P . 19.55 -4.24 20.47
O3B ADP P . 20.39 -1.91 21.07
PA ADP P . 22.87 -2.37 19.65
O1A ADP P . 24.17 -2.96 19.16
O2A ADP P . 22.90 -1.38 20.80
O3A ADP P . 21.87 -3.59 19.98
O5' ADP P . 22.11 -1.68 18.42
C5' ADP P . 22.75 -0.59 17.77
C4' ADP P . 22.18 -0.55 16.37
O4' ADP P . 20.75 -0.41 16.45
C3' ADP P . 22.71 0.64 15.59
O3' ADP P . 23.20 0.13 14.34
C2' ADP P . 21.49 1.47 15.34
O2' ADP P . 21.58 2.18 14.09
C1' ADP P . 20.38 0.43 15.36
N9 ADP P . 19.05 0.99 15.62
C8 ADP P . 18.75 2.27 15.88
N7 ADP P . 17.41 2.42 16.03
C5 ADP P . 16.84 1.22 15.84
C6 ADP P . 15.48 0.67 15.86
N6 ADP P . 14.44 1.48 16.10
N1 ADP P . 15.33 -0.66 15.61
C2 ADP P . 16.37 -1.48 15.36
N3 ADP P . 17.65 -1.04 15.34
C4 ADP P . 17.94 0.28 15.57
#